data_6GZW
#
_entry.id   6GZW
#
_cell.length_a   60.118
_cell.length_b   71.032
_cell.length_c   78.089
_cell.angle_alpha   90.000
_cell.angle_beta   92.830
_cell.angle_gamma   90.000
#
_symmetry.space_group_name_H-M   'P 1 21 1'
#
loop_
_entity.id
_entity.type
_entity.pdbx_description
1 polymer 'Dye type peroxidase A'
2 non-polymer 'PROTOPORPHYRIN IX CONTAINING FE'
3 water water
#
_entity_poly.entity_id   1
_entity_poly.type   'polypeptide(L)'
_entity_poly.pdbx_seq_one_letter_code
;ATPLTSLGSEQAMFHGKHQPGITTPMQARGHLVAFDLAAGAGRKEAAALLRRWSDTARRLMAGEPAGSRDTDVARDAGPS
SLTVTFGFGHSFFGRTGLEKQRPVALDPLPDFSSDHLDKNRSNGDLWVQIGADDALVAFHALRAIQRDAGAAARVRWQMN
GFNRSPGATAHPMTARNLMGQVDGTRNPKPGEADFDRRIFVPEEPEAGKGGPAWMANGSYVVVRRIRMLLDDWEELSLKA
QEDVIGRRKSDGAPLSGGSGATESTEMDLEKTDGSGELVVPINAHARITRPDQNGGAAMVRRPFSYHDGFDADGVPDAGL
LFVCWQADPLRGFVPVQRKLDRGDALSQFIRHEASGLFAVPGGAAEGEYVGQRLLEG
;
_entity_poly.pdbx_strand_id   A,B
#
loop_
_chem_comp.id
_chem_comp.type
_chem_comp.name
_chem_comp.formula
HEM non-polymer 'PROTOPORPHYRIN IX CONTAINING FE' 'C34 H32 Fe N4 O4'
#
# COMPACT_ATOMS: atom_id res chain seq x y z
N ALA A 1 -26.71 -0.86 -11.49
CA ALA A 1 -25.37 -0.16 -11.33
C ALA A 1 -24.60 -0.73 -10.15
N THR A 2 -23.38 -1.22 -10.41
CA THR A 2 -22.59 -1.93 -9.38
C THR A 2 -22.43 -1.02 -8.14
N PRO A 3 -22.87 -1.49 -6.96
CA PRO A 3 -22.75 -0.59 -5.81
C PRO A 3 -21.31 -0.56 -5.19
N LEU A 4 -20.98 0.53 -4.51
CA LEU A 4 -19.68 0.67 -3.86
C LEU A 4 -19.42 -0.49 -2.85
N THR A 5 -20.47 -0.93 -2.17
CA THR A 5 -20.36 -2.02 -1.20
C THR A 5 -19.84 -3.33 -1.81
N SER A 6 -19.90 -3.49 -3.14
CA SER A 6 -19.31 -4.68 -3.79
C SER A 6 -17.81 -4.86 -3.53
N LEU A 7 -17.09 -3.76 -3.31
CA LEU A 7 -15.66 -3.87 -2.99
C LEU A 7 -15.44 -4.76 -1.76
N GLY A 8 -16.22 -4.51 -0.70
CA GLY A 8 -16.16 -5.35 0.50
C GLY A 8 -16.92 -6.66 0.44
N SER A 9 -18.08 -6.68 -0.24
CA SER A 9 -18.96 -7.87 -0.18
C SER A 9 -18.54 -9.06 -1.04
N GLU A 10 -17.82 -8.80 -2.12
CA GLU A 10 -17.38 -9.86 -3.01
C GLU A 10 -16.47 -10.85 -2.28
N GLN A 11 -16.67 -12.13 -2.59
CA GLN A 11 -16.04 -13.21 -1.85
C GLN A 11 -15.46 -14.21 -2.83
N ALA A 12 -14.20 -14.57 -2.66
CA ALA A 12 -13.58 -15.63 -3.44
C ALA A 12 -13.73 -16.98 -2.73
N MET A 13 -13.78 -18.03 -3.53
CA MET A 13 -13.88 -19.39 -2.99
C MET A 13 -12.52 -19.93 -2.59
N PHE A 14 -12.46 -20.53 -1.40
CA PHE A 14 -11.28 -21.19 -0.92
C PHE A 14 -11.25 -22.63 -1.42
N HIS A 15 -12.35 -23.35 -1.17
CA HIS A 15 -12.43 -24.76 -1.58
C HIS A 15 -12.67 -24.84 -3.10
N GLY A 16 -12.00 -25.79 -3.74
CA GLY A 16 -12.13 -25.99 -5.19
C GLY A 16 -11.04 -26.88 -5.80
N LYS A 17 -11.19 -27.18 -7.08
CA LYS A 17 -10.20 -27.97 -7.81
C LYS A 17 -8.82 -27.27 -7.81
N HIS A 18 -8.82 -25.97 -8.05
CA HIS A 18 -7.61 -25.14 -8.05
C HIS A 18 -7.60 -24.23 -6.84
N GLN A 19 -6.41 -23.89 -6.34
CA GLN A 19 -6.30 -22.86 -5.30
C GLN A 19 -6.70 -21.51 -5.86
N PRO A 20 -7.30 -20.65 -5.03
CA PRO A 20 -7.56 -19.25 -5.39
C PRO A 20 -6.25 -18.46 -5.58
N GLY A 21 -6.33 -17.33 -6.27
CA GLY A 21 -5.16 -16.49 -6.51
C GLY A 21 -4.37 -16.77 -7.79
N ILE A 22 -4.95 -17.56 -8.70
CA ILE A 22 -4.34 -17.91 -9.96
C ILE A 22 -5.15 -17.29 -11.07
N THR A 23 -6.42 -17.68 -11.17
CA THR A 23 -7.37 -17.12 -12.15
C THR A 23 -8.25 -16.02 -11.60
N THR A 24 -8.22 -15.86 -10.26
CA THR A 24 -8.91 -14.79 -9.59
C THR A 24 -8.55 -13.43 -10.21
N PRO A 25 -9.52 -12.52 -10.30
CA PRO A 25 -9.20 -11.19 -10.77
C PRO A 25 -8.14 -10.53 -9.92
N MET A 26 -7.49 -9.54 -10.51
N MET A 26 -7.44 -9.58 -10.50
CA MET A 26 -6.54 -8.69 -9.83
CA MET A 26 -6.44 -8.82 -9.78
C MET A 26 -7.13 -8.04 -8.59
C MET A 26 -7.07 -8.05 -8.62
N GLN A 27 -6.29 -7.94 -7.55
CA GLN A 27 -6.70 -7.29 -6.28
C GLN A 27 -5.86 -6.05 -6.03
N ALA A 28 -6.43 -5.10 -5.29
CA ALA A 28 -5.79 -3.81 -5.04
C ALA A 28 -4.59 -3.89 -4.10
N ARG A 29 -4.55 -4.91 -3.23
CA ARG A 29 -3.51 -5.01 -2.22
C ARG A 29 -2.96 -6.42 -2.20
N GLY A 30 -1.62 -6.55 -2.19
CA GLY A 30 -0.91 -7.82 -2.13
C GLY A 30 0.16 -7.85 -1.06
N HIS A 31 0.33 -9.02 -0.44
CA HIS A 31 1.49 -9.32 0.37
C HIS A 31 1.99 -10.70 -0.06
N LEU A 32 3.26 -10.77 -0.46
CA LEU A 32 3.92 -12.04 -0.76
C LEU A 32 4.87 -12.31 0.39
N VAL A 33 4.92 -13.54 0.89
CA VAL A 33 5.81 -13.86 2.00
C VAL A 33 6.38 -15.26 1.79
N ALA A 34 7.67 -15.43 2.08
CA ALA A 34 8.32 -16.72 2.09
C ALA A 34 8.72 -17.05 3.53
N PHE A 35 8.59 -18.34 3.89
CA PHE A 35 8.98 -18.85 5.19
C PHE A 35 10.04 -19.94 5.02
N ASP A 36 10.98 -20.02 5.95
CA ASP A 36 11.86 -21.19 6.08
C ASP A 36 11.53 -22.00 7.30
N LEU A 37 11.49 -23.30 7.14
CA LEU A 37 11.25 -24.16 8.29
C LEU A 37 12.34 -24.00 9.35
N ALA A 38 11.90 -23.98 10.61
CA ALA A 38 12.80 -23.86 11.72
C ALA A 38 13.49 -25.20 11.99
N ALA A 39 14.60 -25.14 12.72
CA ALA A 39 15.20 -26.32 13.30
C ALA A 39 14.14 -27.06 14.13
N GLY A 40 14.01 -28.36 13.89
CA GLY A 40 13.02 -29.16 14.60
C GLY A 40 11.69 -29.28 13.88
N ALA A 41 11.53 -28.60 12.74
CA ALA A 41 10.34 -28.70 11.92
C ALA A 41 10.66 -29.58 10.72
N GLY A 42 10.07 -30.76 10.70
CA GLY A 42 10.13 -31.68 9.58
C GLY A 42 8.76 -31.90 8.98
N ARG A 43 8.52 -33.08 8.41
CA ARG A 43 7.29 -33.32 7.67
C ARG A 43 6.04 -33.13 8.52
N LYS A 44 6.04 -33.72 9.69
CA LYS A 44 4.88 -33.70 10.55
C LYS A 44 4.57 -32.28 11.02
N GLU A 45 5.60 -31.48 11.25
CA GLU A 45 5.41 -30.09 11.67
C GLU A 45 4.93 -29.23 10.50
N ALA A 46 5.46 -29.49 9.31
CA ALA A 46 4.96 -28.85 8.11
C ALA A 46 3.51 -29.21 7.81
N ALA A 47 3.13 -30.48 8.00
CA ALA A 47 1.75 -30.90 7.77
C ALA A 47 0.79 -30.16 8.71
N ALA A 48 1.16 -30.07 10.00
CA ALA A 48 0.38 -29.31 10.97
C ALA A 48 0.27 -27.81 10.60
N LEU A 49 1.34 -27.24 10.05
CA LEU A 49 1.36 -25.85 9.64
C LEU A 49 0.39 -25.58 8.48
N LEU A 50 0.43 -26.44 7.47
CA LEU A 50 -0.49 -26.29 6.34
C LEU A 50 -1.95 -26.51 6.79
N ARG A 51 -2.19 -27.40 7.75
CA ARG A 51 -3.54 -27.49 8.36
C ARG A 51 -3.99 -26.17 8.99
N ARG A 52 -3.13 -25.59 9.83
CA ARG A 52 -3.43 -24.31 10.47
C ARG A 52 -3.69 -23.26 9.40
N TRP A 53 -2.75 -23.16 8.47
CA TRP A 53 -2.81 -22.13 7.45
C TRP A 53 -4.08 -22.27 6.62
N SER A 54 -4.43 -23.51 6.25
CA SER A 54 -5.63 -23.74 5.45
C SER A 54 -6.91 -23.37 6.19
N ASP A 55 -7.00 -23.69 7.49
CA ASP A 55 -8.14 -23.29 8.29
C ASP A 55 -8.26 -21.77 8.45
N THR A 56 -7.13 -21.10 8.64
CA THR A 56 -7.07 -19.63 8.68
C THR A 56 -7.53 -19.06 7.33
N ALA A 57 -7.00 -19.57 6.23
CA ALA A 57 -7.42 -19.09 4.93
C ALA A 57 -8.93 -19.25 4.71
N ARG A 58 -9.46 -20.45 5.02
CA ARG A 58 -10.89 -20.74 4.86
C ARG A 58 -11.74 -19.73 5.61
N ARG A 59 -11.44 -19.51 6.89
CA ARG A 59 -12.23 -18.56 7.67
C ARG A 59 -12.13 -17.17 7.13
N LEU A 60 -10.89 -16.71 6.93
CA LEU A 60 -10.69 -15.32 6.55
C LEU A 60 -11.25 -15.00 5.17
N MET A 61 -11.13 -15.95 4.24
CA MET A 61 -11.71 -15.74 2.90
C MET A 61 -13.24 -15.65 2.91
N ALA A 62 -13.86 -16.21 3.94
CA ALA A 62 -15.30 -16.09 4.12
C ALA A 62 -15.72 -14.85 4.92
N GLY A 63 -14.76 -13.97 5.21
CA GLY A 63 -15.04 -12.78 6.00
C GLY A 63 -15.23 -13.05 7.49
N GLU A 64 -14.80 -14.23 7.94
CA GLU A 64 -14.93 -14.61 9.36
C GLU A 64 -13.64 -14.25 10.09
N PRO A 65 -13.72 -14.06 11.41
CA PRO A 65 -12.49 -13.89 12.18
C PRO A 65 -11.66 -15.15 12.21
N ALA A 66 -10.41 -15.03 12.62
CA ALA A 66 -9.61 -16.17 12.93
C ALA A 66 -10.32 -17.00 14.02
N GLY A 67 -10.02 -18.29 14.05
CA GLY A 67 -10.67 -19.23 14.95
C GLY A 67 -10.46 -18.91 16.41
N SER A 68 -9.35 -18.23 16.71
CA SER A 68 -9.05 -17.85 18.07
C SER A 68 -8.04 -16.72 18.05
N ARG A 69 -8.00 -15.92 19.11
CA ARG A 69 -7.05 -14.81 19.21
C ARG A 69 -7.11 -13.86 17.99
N ASP A 70 -8.31 -13.56 17.49
CA ASP A 70 -8.44 -12.64 16.38
C ASP A 70 -8.12 -11.21 16.85
N THR A 71 -7.49 -10.42 15.96
CA THR A 71 -7.03 -9.10 16.38
C THR A 71 -8.06 -8.00 16.20
N ASP A 72 -9.19 -8.30 15.55
CA ASP A 72 -10.23 -7.34 15.18
C ASP A 72 -9.84 -6.36 14.05
N VAL A 73 -8.65 -6.51 13.45
CA VAL A 73 -8.20 -5.56 12.42
C VAL A 73 -9.15 -5.56 11.19
N ALA A 74 -9.66 -6.74 10.84
CA ALA A 74 -10.59 -6.85 9.68
C ALA A 74 -12.06 -6.74 10.06
N ARG A 75 -12.35 -6.51 11.34
CA ARG A 75 -13.70 -6.55 11.80
C ARG A 75 -14.52 -5.45 11.11
N ASP A 76 -15.77 -5.85 10.77
CA ASP A 76 -16.79 -5.06 10.08
C ASP A 76 -16.64 -5.04 8.56
N ALA A 77 -15.44 -5.36 8.06
CA ALA A 77 -15.22 -5.40 6.62
C ALA A 77 -15.80 -6.70 6.09
N GLY A 78 -16.25 -6.70 4.83
CA GLY A 78 -16.61 -7.94 4.16
C GLY A 78 -15.36 -8.66 3.72
N PRO A 79 -15.50 -9.84 3.06
CA PRO A 79 -14.33 -10.60 2.62
C PRO A 79 -13.40 -9.80 1.66
N SER A 80 -13.95 -8.81 0.95
CA SER A 80 -13.17 -7.90 0.09
C SER A 80 -12.26 -8.66 -0.91
N SER A 81 -12.80 -9.75 -1.46
CA SER A 81 -12.10 -10.60 -2.43
C SER A 81 -10.79 -11.18 -1.94
N LEU A 82 -10.68 -11.42 -0.62
CA LEU A 82 -9.45 -11.96 -0.05
C LEU A 82 -9.16 -13.33 -0.67
N THR A 83 -7.91 -13.55 -1.06
CA THR A 83 -7.41 -14.88 -1.39
C THR A 83 -6.09 -15.13 -0.71
N VAL A 84 -5.88 -16.39 -0.36
CA VAL A 84 -4.63 -16.90 0.19
C VAL A 84 -4.25 -18.14 -0.60
N THR A 85 -3.01 -18.17 -1.06
CA THR A 85 -2.46 -19.24 -1.90
C THR A 85 -1.12 -19.71 -1.36
N PHE A 86 -0.88 -21.02 -1.41
CA PHE A 86 0.27 -21.64 -0.79
C PHE A 86 1.15 -22.41 -1.78
N GLY A 87 2.48 -22.29 -1.64
CA GLY A 87 3.41 -23.08 -2.46
C GLY A 87 4.60 -23.60 -1.68
N PHE A 88 5.31 -24.55 -2.30
CA PHE A 88 6.50 -25.19 -1.75
C PHE A 88 7.69 -24.96 -2.68
N GLY A 89 8.84 -24.59 -2.12
CA GLY A 89 10.05 -24.35 -2.89
C GLY A 89 10.88 -25.62 -2.98
N HIS A 90 11.87 -25.59 -3.86
CA HIS A 90 12.84 -26.67 -4.02
C HIS A 90 13.44 -27.12 -2.69
N SER A 91 13.83 -26.15 -1.86
CA SER A 91 14.50 -26.44 -0.58
C SER A 91 13.62 -27.20 0.41
N PHE A 92 12.31 -27.04 0.33
CA PHE A 92 11.39 -27.69 1.26
C PHE A 92 11.60 -29.22 1.41
N PHE A 93 11.89 -29.87 0.28
CA PHE A 93 11.80 -31.34 0.16
C PHE A 93 12.98 -32.01 0.88
N GLY A 94 14.17 -31.41 0.77
CA GLY A 94 15.34 -31.87 1.53
C GLY A 94 15.31 -31.62 3.05
N ARG A 95 14.42 -30.72 3.50
CA ARG A 95 14.21 -30.45 4.92
C ARG A 95 13.17 -31.38 5.58
N THR A 96 12.42 -32.13 4.78
CA THR A 96 11.28 -32.90 5.27
C THR A 96 11.32 -34.40 4.90
N GLY A 97 12.45 -34.86 4.35
CA GLY A 97 12.57 -36.25 3.86
C GLY A 97 11.67 -36.54 2.66
N LEU A 98 11.42 -35.52 1.83
CA LEU A 98 10.47 -35.68 0.72
C LEU A 98 11.11 -35.48 -0.64
N GLU A 99 12.41 -35.77 -0.73
CA GLU A 99 13.19 -35.64 -1.98
C GLU A 99 12.55 -36.44 -3.11
N LYS A 100 12.10 -37.66 -2.81
CA LYS A 100 11.42 -38.48 -3.81
C LYS A 100 10.16 -37.85 -4.41
N GLN A 101 9.53 -36.90 -3.70
CA GLN A 101 8.32 -36.19 -4.17
C GLN A 101 8.60 -34.78 -4.77
N ARG A 102 9.86 -34.38 -4.84
CA ARG A 102 10.24 -33.07 -5.36
C ARG A 102 10.02 -33.07 -6.87
N PRO A 103 9.15 -32.20 -7.41
CA PRO A 103 8.95 -32.21 -8.88
C PRO A 103 10.18 -31.73 -9.63
N VAL A 104 10.42 -32.30 -10.81
CA VAL A 104 11.50 -31.84 -11.71
C VAL A 104 11.27 -30.36 -12.06
N ALA A 105 10.01 -29.97 -12.10
CA ALA A 105 9.63 -28.57 -12.40
C ALA A 105 10.20 -27.56 -11.42
N LEU A 106 10.57 -27.99 -10.22
CA LEU A 106 11.24 -27.09 -9.26
C LEU A 106 12.74 -26.98 -9.42
N ASP A 107 13.33 -27.63 -10.42
CA ASP A 107 14.76 -27.48 -10.66
C ASP A 107 15.11 -25.98 -10.77
N PRO A 108 16.27 -25.58 -10.24
CA PRO A 108 16.56 -24.13 -10.17
C PRO A 108 16.46 -23.41 -11.51
N LEU A 109 15.97 -22.18 -11.49
CA LEU A 109 15.90 -21.38 -12.70
C LEU A 109 17.32 -21.11 -13.19
N PRO A 110 17.49 -20.84 -14.51
CA PRO A 110 18.80 -20.41 -14.99
C PRO A 110 19.34 -19.19 -14.25
N ASP A 111 20.66 -19.07 -14.18
CA ASP A 111 21.28 -17.84 -13.77
C ASP A 111 21.35 -16.99 -15.02
N PHE A 112 20.34 -16.14 -15.23
CA PHE A 112 20.29 -15.29 -16.42
C PHE A 112 21.36 -14.21 -16.33
N SER A 113 21.94 -13.85 -17.48
CA SER A 113 22.97 -12.83 -17.49
C SER A 113 22.50 -11.49 -16.86
N SER A 114 21.22 -11.17 -17.03
CA SER A 114 20.66 -9.92 -16.50
C SER A 114 20.24 -10.02 -15.01
N ASP A 115 20.40 -11.17 -14.36
CA ASP A 115 20.00 -11.29 -12.94
C ASP A 115 20.83 -10.39 -12.03
N HIS A 116 20.18 -9.80 -11.03
CA HIS A 116 20.84 -9.09 -9.95
C HIS A 116 20.12 -9.43 -8.65
N LEU A 117 20.05 -10.73 -8.39
CA LEU A 117 19.19 -11.26 -7.35
C LEU A 117 19.76 -11.10 -5.95
N ASP A 118 18.89 -10.70 -5.02
CA ASP A 118 19.16 -10.75 -3.59
C ASP A 118 18.85 -12.17 -3.11
N LYS A 119 19.90 -12.95 -2.83
CA LYS A 119 19.71 -14.32 -2.35
C LYS A 119 18.81 -14.40 -1.10
N ASN A 120 18.94 -13.41 -0.22
CA ASN A 120 18.18 -13.39 1.03
C ASN A 120 16.71 -13.07 0.91
N ARG A 121 16.32 -12.44 -0.20
CA ARG A 121 14.93 -12.12 -0.50
C ARG A 121 14.43 -12.95 -1.68
N SER A 122 15.10 -14.09 -1.91
CA SER A 122 14.74 -15.02 -2.99
C SER A 122 14.47 -16.40 -2.39
N ASN A 123 13.70 -17.21 -3.12
CA ASN A 123 13.48 -18.64 -2.81
C ASN A 123 12.80 -18.80 -1.46
N GLY A 124 13.09 -19.88 -0.73
CA GLY A 124 12.40 -20.18 0.52
C GLY A 124 11.76 -21.54 0.49
N ASP A 125 11.56 -22.12 1.68
CA ASP A 125 10.87 -23.41 1.77
C ASP A 125 9.40 -23.32 1.38
N LEU A 126 8.73 -22.23 1.81
CA LEU A 126 7.29 -22.09 1.67
C LEU A 126 6.95 -20.69 1.19
N TRP A 127 5.93 -20.58 0.35
CA TRP A 127 5.48 -19.26 -0.13
C TRP A 127 4.00 -19.10 0.12
N VAL A 128 3.59 -17.89 0.55
CA VAL A 128 2.17 -17.57 0.64
C VAL A 128 1.92 -16.27 -0.09
N GLN A 129 0.84 -16.25 -0.89
CA GLN A 129 0.37 -15.04 -1.56
C GLN A 129 -0.95 -14.63 -0.95
N ILE A 130 -1.00 -13.39 -0.46
CA ILE A 130 -2.21 -12.83 0.09
C ILE A 130 -2.61 -11.62 -0.76
N GLY A 131 -3.88 -11.56 -1.14
CA GLY A 131 -4.44 -10.41 -1.82
C GLY A 131 -5.87 -10.12 -1.46
N ALA A 132 -6.23 -8.83 -1.49
CA ALA A 132 -7.58 -8.37 -1.24
C ALA A 132 -7.73 -6.97 -1.75
N ASP A 133 -8.97 -6.50 -1.82
CA ASP A 133 -9.23 -5.12 -2.22
C ASP A 133 -9.30 -4.12 -1.07
N ASP A 134 -9.21 -4.60 0.17
CA ASP A 134 -9.10 -3.74 1.35
C ASP A 134 -7.77 -4.02 2.06
N ALA A 135 -7.09 -2.96 2.46
CA ALA A 135 -5.76 -3.10 3.05
C ALA A 135 -5.81 -3.66 4.47
N LEU A 136 -6.85 -3.37 5.24
CA LEU A 136 -6.98 -3.93 6.57
C LEU A 136 -7.27 -5.43 6.51
N VAL A 137 -8.17 -5.82 5.60
CA VAL A 137 -8.41 -7.24 5.35
C VAL A 137 -7.12 -7.92 4.96
N ALA A 138 -6.36 -7.32 4.03
CA ALA A 138 -5.14 -7.94 3.61
C ALA A 138 -4.11 -8.07 4.74
N PHE A 139 -3.90 -7.00 5.50
CA PHE A 139 -2.93 -7.01 6.58
C PHE A 139 -3.29 -8.04 7.65
N HIS A 140 -4.57 -8.04 8.01
CA HIS A 140 -5.08 -8.99 8.99
C HIS A 140 -4.77 -10.43 8.56
N ALA A 141 -4.95 -10.75 7.26
CA ALA A 141 -4.59 -12.06 6.77
C ALA A 141 -3.08 -12.35 6.79
N LEU A 142 -2.26 -11.38 6.36
CA LEU A 142 -0.81 -11.54 6.46
C LEU A 142 -0.36 -11.84 7.88
N ARG A 143 -0.85 -11.05 8.81
CA ARG A 143 -0.47 -11.21 10.20
C ARG A 143 -0.94 -12.55 10.76
N ALA A 144 -2.15 -12.98 10.37
CA ALA A 144 -2.66 -14.26 10.88
C ALA A 144 -1.88 -15.44 10.33
N ILE A 145 -1.56 -15.40 9.04
CA ILE A 145 -0.74 -16.44 8.44
C ILE A 145 0.65 -16.44 9.07
N GLN A 146 1.25 -15.26 9.23
CA GLN A 146 2.57 -15.20 9.82
C GLN A 146 2.62 -15.70 11.26
N ARG A 147 1.61 -15.36 12.05
CA ARG A 147 1.49 -15.84 13.43
C ARG A 147 1.16 -17.33 13.54
N ASP A 148 0.48 -17.91 12.55
CA ASP A 148 0.32 -19.38 12.49
C ASP A 148 1.63 -20.13 12.34
N ALA A 149 2.63 -19.51 11.72
CA ALA A 149 3.95 -20.14 11.56
C ALA A 149 4.58 -20.52 12.90
N GLY A 150 4.37 -19.70 13.92
CA GLY A 150 4.84 -19.99 15.27
C GLY A 150 6.29 -20.45 15.33
N ALA A 151 6.52 -21.51 16.09
CA ALA A 151 7.86 -22.13 16.19
C ALA A 151 8.27 -22.99 14.98
N ALA A 152 7.33 -23.26 14.07
CA ALA A 152 7.59 -24.14 12.92
C ALA A 152 8.37 -23.47 11.78
N ALA A 153 8.25 -22.16 11.63
CA ALA A 153 8.89 -21.48 10.51
C ALA A 153 9.14 -20.02 10.83
N ARG A 154 10.12 -19.43 10.14
CA ARG A 154 10.47 -18.01 10.28
C ARG A 154 10.19 -17.34 8.95
N VAL A 155 9.85 -16.04 8.99
CA VAL A 155 9.75 -15.23 7.78
C VAL A 155 11.13 -15.07 7.19
N ARG A 156 11.26 -15.55 5.96
CA ARG A 156 12.49 -15.38 5.19
C ARG A 156 12.51 -14.02 4.49
N TRP A 157 11.40 -13.71 3.82
CA TRP A 157 11.24 -12.43 3.13
C TRP A 157 9.77 -12.10 2.96
N GLN A 158 9.49 -10.82 2.79
CA GLN A 158 8.10 -10.38 2.65
C GLN A 158 8.07 -9.09 1.87
N MET A 159 7.18 -9.06 0.87
CA MET A 159 7.03 -7.90 -0.05
C MET A 159 5.57 -7.43 -0.09
N ASN A 160 5.36 -6.12 -0.13
CA ASN A 160 4.05 -5.53 -0.31
C ASN A 160 3.85 -5.08 -1.74
N GLY A 161 2.61 -5.21 -2.21
CA GLY A 161 2.24 -4.73 -3.53
C GLY A 161 0.87 -4.09 -3.56
N PHE A 162 0.57 -3.45 -4.69
CA PHE A 162 -0.67 -2.80 -4.92
C PHE A 162 -1.04 -2.80 -6.41
N ASN A 163 -2.32 -2.58 -6.64
CA ASN A 163 -2.87 -2.41 -7.99
C ASN A 163 -3.99 -1.37 -7.90
N ARG A 164 -4.57 -1.07 -9.06
CA ARG A 164 -5.76 -0.28 -9.15
C ARG A 164 -6.89 -0.82 -8.23
N SER A 165 -7.64 0.11 -7.69
N SER A 165 -7.58 0.11 -7.54
CA SER A 165 -8.77 -0.13 -6.87
CA SER A 165 -8.82 -0.21 -6.76
C SER A 165 -10.07 -0.37 -7.69
C SER A 165 -10.02 -0.46 -7.69
N PRO A 166 -10.94 -1.32 -7.26
CA PRO A 166 -12.26 -1.35 -7.88
C PRO A 166 -12.90 0.03 -7.85
N GLY A 167 -13.54 0.43 -8.94
CA GLY A 167 -14.22 1.74 -9.01
C GLY A 167 -13.37 2.94 -9.39
N ALA A 168 -12.04 2.75 -9.49
CA ALA A 168 -11.15 3.84 -9.88
C ALA A 168 -11.44 4.34 -11.32
N THR A 169 -11.79 3.40 -12.21
CA THR A 169 -12.21 3.74 -13.58
C THR A 169 -13.73 3.75 -13.72
N ALA A 170 -14.23 4.49 -14.71
CA ALA A 170 -15.68 4.63 -14.92
C ALA A 170 -16.34 3.33 -15.36
N HIS A 171 -15.57 2.42 -15.95
CA HIS A 171 -15.97 1.02 -16.18
C HIS A 171 -14.72 0.12 -16.13
N PRO A 172 -14.89 -1.21 -15.94
CA PRO A 172 -13.76 -2.15 -15.83
C PRO A 172 -12.82 -2.10 -17.03
N MET A 173 -11.52 -1.95 -16.76
CA MET A 173 -10.49 -1.80 -17.81
C MET A 173 -9.25 -2.59 -17.43
N THR A 174 -8.45 -2.96 -18.41
CA THR A 174 -7.16 -3.58 -18.15
C THR A 174 -6.29 -2.69 -17.23
N ALA A 175 -5.54 -3.34 -16.36
CA ALA A 175 -4.65 -2.67 -15.41
C ALA A 175 -3.52 -1.89 -16.09
N ARG A 176 -2.90 -0.99 -15.35
CA ARG A 176 -1.66 -0.37 -15.74
C ARG A 176 -0.57 -0.72 -14.75
N ASN A 177 0.68 -0.51 -15.15
CA ASN A 177 1.85 -0.70 -14.29
C ASN A 177 2.54 0.68 -14.08
N LEU A 178 3.65 0.69 -13.34
CA LEU A 178 4.26 1.96 -12.97
C LEU A 178 5.11 2.56 -14.11
N MET A 179 5.29 1.83 -15.20
CA MET A 179 5.78 2.45 -16.45
C MET A 179 4.66 3.13 -17.25
N GLY A 180 3.41 3.03 -16.78
CA GLY A 180 2.29 3.66 -17.43
C GLY A 180 1.71 2.86 -18.59
N GLN A 181 2.17 1.64 -18.74
CA GLN A 181 1.67 0.75 -19.78
C GLN A 181 0.35 0.07 -19.42
N VAL A 182 -0.51 -0.16 -20.41
CA VAL A 182 -1.58 -1.14 -20.27
C VAL A 182 -0.90 -2.50 -20.08
N ASP A 183 -1.27 -3.22 -19.03
CA ASP A 183 -0.59 -4.47 -18.69
C ASP A 183 -1.63 -5.54 -18.30
N GLY A 184 -1.72 -6.58 -19.12
CA GLY A 184 -2.64 -7.69 -18.89
C GLY A 184 -3.50 -8.06 -20.08
N THR A 185 -3.44 -7.31 -21.18
CA THR A 185 -4.33 -7.55 -22.32
C THR A 185 -4.31 -9.01 -22.81
N ARG A 186 -3.10 -9.54 -23.02
CA ARG A 186 -2.94 -10.89 -23.60
C ARG A 186 -2.68 -11.96 -22.55
N ASN A 187 -3.42 -11.86 -21.45
CA ASN A 187 -3.30 -12.84 -20.39
C ASN A 187 -4.27 -13.96 -20.73
N PRO A 188 -3.77 -15.22 -20.77
CA PRO A 188 -4.69 -16.35 -20.97
C PRO A 188 -5.79 -16.43 -19.90
N LYS A 189 -6.96 -16.89 -20.32
CA LYS A 189 -8.18 -16.88 -19.49
C LYS A 189 -8.87 -18.25 -19.58
N PRO A 190 -9.60 -18.66 -18.51
CA PRO A 190 -10.45 -19.84 -18.63
C PRO A 190 -11.47 -19.62 -19.76
N GLY A 191 -11.70 -20.67 -20.52
CA GLY A 191 -12.54 -20.54 -21.72
C GLY A 191 -11.79 -20.56 -23.04
N GLU A 192 -10.46 -20.40 -23.00
N GLU A 192 -10.46 -20.35 -23.01
CA GLU A 192 -9.62 -20.53 -24.21
CA GLU A 192 -9.58 -20.54 -24.19
C GLU A 192 -9.11 -21.96 -24.26
C GLU A 192 -9.17 -22.01 -24.25
N ALA A 193 -9.04 -22.54 -25.47
CA ALA A 193 -8.90 -24.03 -25.66
C ALA A 193 -7.67 -24.71 -25.04
N ASP A 194 -6.58 -23.94 -24.99
CA ASP A 194 -5.30 -24.47 -24.52
C ASP A 194 -5.04 -23.97 -23.08
N PHE A 195 -6.02 -23.35 -22.45
CA PHE A 195 -5.80 -22.74 -21.12
C PHE A 195 -5.38 -23.76 -20.06
N ASP A 196 -6.19 -24.77 -19.81
CA ASP A 196 -5.85 -25.79 -18.80
C ASP A 196 -4.50 -26.44 -19.06
N ARG A 197 -4.26 -26.84 -20.31
CA ARG A 197 -2.96 -27.40 -20.64
C ARG A 197 -1.81 -26.44 -20.31
N ARG A 198 -1.99 -25.15 -20.58
CA ARG A 198 -0.90 -24.19 -20.41
C ARG A 198 -0.56 -23.94 -18.95
N ILE A 199 -1.58 -23.94 -18.10
CA ILE A 199 -1.50 -23.37 -16.77
C ILE A 199 -1.52 -24.41 -15.64
N PHE A 200 -2.20 -25.54 -15.81
CA PHE A 200 -2.37 -26.50 -14.70
C PHE A 200 -1.82 -27.88 -14.98
N VAL A 201 -1.26 -28.48 -13.93
CA VAL A 201 -0.83 -29.87 -13.96
C VAL A 201 -2.12 -30.67 -14.09
N PRO A 202 -2.15 -31.70 -14.98
CA PRO A 202 -3.40 -32.45 -15.20
C PRO A 202 -3.88 -33.28 -13.98
N GLU A 203 -5.16 -33.66 -14.00
CA GLU A 203 -5.76 -34.50 -12.95
C GLU A 203 -5.01 -35.81 -12.78
N GLY A 211 4.23 -35.11 -13.79
CA GLY A 211 4.65 -34.69 -12.44
C GLY A 211 4.21 -35.64 -11.34
N PRO A 212 4.66 -35.39 -10.09
CA PRO A 212 4.22 -36.25 -9.00
C PRO A 212 2.74 -36.02 -8.70
N ALA A 213 2.04 -37.08 -8.30
CA ALA A 213 0.59 -37.02 -8.16
C ALA A 213 0.12 -35.96 -7.17
N TRP A 214 0.92 -35.63 -6.15
CA TRP A 214 0.51 -34.62 -5.17
C TRP A 214 0.30 -33.23 -5.80
N MET A 215 0.89 -32.99 -6.97
CA MET A 215 0.69 -31.73 -7.70
C MET A 215 -0.52 -31.66 -8.65
N ALA A 216 -1.34 -32.71 -8.68
CA ALA A 216 -2.53 -32.73 -9.54
C ALA A 216 -3.43 -31.49 -9.43
N ASN A 217 -3.76 -30.87 -10.57
CA ASN A 217 -4.51 -29.61 -10.63
C ASN A 217 -3.77 -28.39 -10.04
N GLY A 218 -2.48 -28.54 -9.76
CA GLY A 218 -1.64 -27.45 -9.28
C GLY A 218 -1.04 -26.63 -10.40
N SER A 219 -0.23 -25.64 -10.03
N SER A 219 -0.21 -25.66 -10.01
CA SER A 219 0.49 -24.81 -11.01
CA SER A 219 0.51 -24.80 -10.96
C SER A 219 1.83 -24.43 -10.42
C SER A 219 1.90 -24.52 -10.41
N TYR A 220 2.80 -24.06 -11.27
CA TYR A 220 4.10 -23.59 -10.85
C TYR A 220 4.10 -22.06 -10.98
N VAL A 221 4.47 -21.39 -9.90
CA VAL A 221 4.59 -19.92 -9.89
C VAL A 221 6.06 -19.51 -9.93
N VAL A 222 6.38 -18.54 -10.77
CA VAL A 222 7.66 -17.85 -10.71
C VAL A 222 7.36 -16.42 -10.32
N VAL A 223 7.94 -15.99 -9.20
CA VAL A 223 7.87 -14.63 -8.67
C VAL A 223 9.18 -13.96 -9.05
N ARG A 224 9.09 -12.74 -9.58
CA ARG A 224 10.28 -11.90 -9.82
C ARG A 224 10.01 -10.51 -9.31
N ARG A 225 10.90 -10.01 -8.44
CA ARG A 225 10.85 -8.64 -7.99
C ARG A 225 11.64 -7.87 -9.05
N ILE A 226 10.93 -7.14 -9.91
CA ILE A 226 11.58 -6.47 -11.02
C ILE A 226 11.50 -4.96 -10.78
N ARG A 227 12.65 -4.35 -10.48
CA ARG A 227 12.69 -2.93 -10.28
C ARG A 227 12.58 -2.25 -11.62
N MET A 228 11.77 -1.21 -11.68
CA MET A 228 11.72 -0.41 -12.88
C MET A 228 12.69 0.75 -12.76
N LEU A 229 13.53 0.94 -13.76
CA LEU A 229 14.49 2.03 -13.77
C LEU A 229 13.77 3.27 -14.27
N LEU A 230 12.91 3.79 -13.40
CA LEU A 230 12.02 4.88 -13.75
C LEU A 230 12.75 6.18 -14.09
N ASP A 231 13.91 6.39 -13.44
CA ASP A 231 14.71 7.60 -13.71
C ASP A 231 15.15 7.62 -15.18
N ASP A 232 15.51 6.46 -15.73
CA ASP A 232 15.89 6.40 -17.15
C ASP A 232 14.66 6.30 -18.03
N TRP A 233 13.68 5.48 -17.63
CA TRP A 233 12.47 5.26 -18.43
C TRP A 233 11.72 6.57 -18.74
N GLU A 234 11.60 7.41 -17.71
CA GLU A 234 10.81 8.64 -17.81
C GLU A 234 11.55 9.76 -18.50
N GLU A 235 12.78 9.50 -18.95
CA GLU A 235 13.47 10.45 -19.83
C GLU A 235 13.30 10.09 -21.31
N LEU A 236 12.54 9.05 -21.61
CA LEU A 236 12.31 8.68 -23.01
C LEU A 236 11.12 9.42 -23.60
N SER A 237 11.18 9.69 -24.90
CA SER A 237 10.00 10.14 -25.63
C SER A 237 8.92 9.05 -25.60
N LEU A 238 7.68 9.48 -25.87
CA LEU A 238 6.57 8.56 -26.05
C LEU A 238 6.87 7.55 -27.14
N LYS A 239 7.39 8.04 -28.26
CA LYS A 239 7.65 7.15 -29.38
C LYS A 239 8.65 6.07 -28.96
N ALA A 240 9.67 6.46 -28.20
CA ALA A 240 10.68 5.51 -27.77
C ALA A 240 10.10 4.47 -26.83
N GLN A 241 9.22 4.93 -25.94
CA GLN A 241 8.60 4.01 -24.98
C GLN A 241 7.67 3.01 -25.67
N GLU A 242 6.93 3.47 -26.68
CA GLU A 242 6.01 2.63 -27.38
C GLU A 242 6.79 1.60 -28.23
N ASP A 243 7.92 2.02 -28.79
CA ASP A 243 8.78 1.04 -29.50
C ASP A 243 9.36 -0.05 -28.59
N VAL A 244 9.60 0.24 -27.31
CA VAL A 244 10.11 -0.79 -26.38
C VAL A 244 9.11 -1.91 -26.21
N ILE A 245 7.83 -1.57 -26.13
CA ILE A 245 6.77 -2.58 -25.89
C ILE A 245 6.17 -3.11 -27.21
N GLY A 246 5.99 -2.23 -28.20
CA GLY A 246 5.22 -2.59 -29.40
C GLY A 246 3.71 -2.37 -29.32
N ARG A 247 3.28 -1.67 -28.27
CA ARG A 247 1.90 -1.32 -28.05
C ARG A 247 1.82 0.13 -27.55
N ARG A 248 0.72 0.80 -27.88
CA ARG A 248 0.53 2.17 -27.51
C ARG A 248 0.20 2.30 -26.02
N LYS A 249 0.66 3.39 -25.43
CA LYS A 249 0.39 3.65 -24.01
C LYS A 249 -1.06 4.09 -23.79
N SER A 250 -1.60 4.87 -24.73
CA SER A 250 -2.96 5.42 -24.53
C SER A 250 -4.01 4.31 -24.35
N ASP A 251 -4.00 3.35 -25.27
CA ASP A 251 -5.08 2.34 -25.37
C ASP A 251 -4.61 0.89 -25.43
N GLY A 252 -3.29 0.67 -25.39
CA GLY A 252 -2.74 -0.69 -25.44
C GLY A 252 -2.81 -1.38 -26.77
N ALA A 253 -3.14 -0.66 -27.84
CA ALA A 253 -3.24 -1.30 -29.17
C ALA A 253 -1.85 -1.62 -29.72
N PRO A 254 -1.76 -2.69 -30.55
CA PRO A 254 -0.51 -2.92 -31.24
C PRO A 254 -0.15 -1.74 -32.13
N LEU A 255 1.13 -1.42 -32.24
CA LEU A 255 1.57 -0.28 -33.05
C LEU A 255 1.18 -0.46 -34.53
N SER A 256 1.03 -1.71 -34.94
CA SER A 256 0.54 -2.06 -36.28
C SER A 256 -0.92 -1.68 -36.52
N GLY A 257 -1.66 -1.37 -35.47
CA GLY A 257 -3.06 -1.07 -35.59
C GLY A 257 -3.26 0.35 -36.09
N GLY A 258 -4.38 0.59 -36.75
CA GLY A 258 -4.78 1.96 -37.05
C GLY A 258 -5.35 2.71 -35.87
N SER A 259 -5.90 3.89 -36.18
CA SER A 259 -6.55 4.75 -35.20
C SER A 259 -7.80 4.14 -34.60
N GLY A 260 -8.41 3.22 -35.34
CA GLY A 260 -9.51 2.42 -34.86
C GLY A 260 -9.15 1.23 -34.02
N ALA A 261 -7.88 0.88 -33.96
CA ALA A 261 -7.46 -0.32 -33.24
C ALA A 261 -7.56 -0.07 -31.74
N THR A 262 -7.80 -1.15 -31.00
CA THR A 262 -7.79 -1.13 -29.53
C THR A 262 -6.85 -2.21 -29.02
N GLU A 263 -6.78 -2.39 -27.70
CA GLU A 263 -5.88 -3.38 -27.11
C GLU A 263 -6.08 -4.81 -27.66
N SER A 264 -7.31 -5.18 -28.01
CA SER A 264 -7.62 -6.53 -28.49
C SER A 264 -7.35 -6.73 -29.97
N THR A 265 -7.11 -5.65 -30.71
CA THR A 265 -6.83 -5.78 -32.13
C THR A 265 -5.60 -6.69 -32.32
N GLU A 266 -5.71 -7.63 -33.25
CA GLU A 266 -4.61 -8.58 -33.45
C GLU A 266 -3.37 -7.86 -34.00
N MET A 267 -2.21 -8.17 -33.44
CA MET A 267 -0.93 -7.58 -33.86
C MET A 267 -0.54 -8.14 -35.23
N ASP A 268 -0.02 -7.27 -36.10
CA ASP A 268 0.52 -7.70 -37.38
C ASP A 268 2.05 -7.63 -37.30
N LEU A 269 2.66 -8.79 -37.23
CA LEU A 269 4.09 -8.95 -37.00
C LEU A 269 4.93 -8.72 -38.25
N GLU A 270 4.29 -8.69 -39.41
CA GLU A 270 5.02 -8.46 -40.69
C GLU A 270 4.90 -7.04 -41.23
N LYS A 271 3.99 -6.23 -40.69
CA LYS A 271 3.71 -4.90 -41.24
C LYS A 271 4.92 -4.00 -41.15
N THR A 272 5.22 -3.36 -42.28
CA THR A 272 6.27 -2.35 -42.37
C THR A 272 5.74 -0.98 -42.72
N ASP A 273 6.57 0.02 -42.44
CA ASP A 273 6.29 1.41 -42.78
C ASP A 273 6.76 1.68 -44.21
N GLY A 274 6.73 2.93 -44.63
CA GLY A 274 7.15 3.34 -45.98
C GLY A 274 8.64 3.15 -46.32
N SER A 275 9.48 3.05 -45.30
CA SER A 275 10.92 2.78 -45.48
C SER A 275 11.26 1.30 -45.37
N GLY A 276 10.25 0.42 -45.25
CA GLY A 276 10.48 -1.02 -45.13
C GLY A 276 10.84 -1.55 -43.74
N GLU A 277 10.78 -0.68 -42.72
CA GLU A 277 11.12 -1.07 -41.34
C GLU A 277 9.86 -1.59 -40.64
N LEU A 278 10.04 -2.59 -39.77
CA LEU A 278 8.91 -3.15 -39.01
C LEU A 278 8.21 -2.11 -38.12
N VAL A 279 6.87 -2.09 -38.17
CA VAL A 279 6.10 -1.14 -37.34
C VAL A 279 6.16 -1.58 -35.87
N VAL A 280 6.04 -2.88 -35.60
CA VAL A 280 6.29 -3.41 -34.25
C VAL A 280 7.74 -3.85 -34.23
N PRO A 281 8.63 -3.15 -33.49
CA PRO A 281 10.04 -3.48 -33.61
C PRO A 281 10.40 -4.94 -33.37
N ILE A 282 11.49 -5.39 -33.99
CA ILE A 282 11.95 -6.78 -33.89
C ILE A 282 12.25 -7.23 -32.46
N ASN A 283 12.64 -6.30 -31.61
CA ASN A 283 12.98 -6.58 -30.20
C ASN A 283 11.93 -6.02 -29.26
N ALA A 284 10.72 -5.70 -29.75
CA ALA A 284 9.65 -5.17 -28.88
C ALA A 284 9.19 -6.25 -27.92
N HIS A 285 9.00 -5.90 -26.65
CA HIS A 285 8.60 -6.85 -25.61
C HIS A 285 7.33 -7.63 -25.95
N ALA A 286 6.31 -6.94 -26.41
CA ALA A 286 5.02 -7.57 -26.75
C ALA A 286 5.03 -8.32 -28.09
N ARG A 287 6.14 -8.25 -28.83
CA ARG A 287 6.38 -9.21 -29.92
C ARG A 287 7.05 -10.47 -29.39
N ILE A 288 8.22 -10.29 -28.77
CA ILE A 288 9.09 -11.42 -28.46
C ILE A 288 8.62 -12.33 -27.31
N THR A 289 7.67 -11.85 -26.50
CA THR A 289 7.11 -12.67 -25.42
C THR A 289 5.91 -13.56 -25.85
N ARG A 290 5.40 -13.40 -27.08
CA ARG A 290 4.21 -14.16 -27.50
C ARG A 290 4.45 -15.67 -27.53
N PRO A 291 3.43 -16.46 -27.15
CA PRO A 291 3.58 -17.91 -27.30
C PRO A 291 3.97 -18.32 -28.73
N ASP A 292 3.41 -17.66 -29.75
CA ASP A 292 3.77 -18.00 -31.14
C ASP A 292 5.21 -17.62 -31.60
N GLN A 293 5.96 -16.89 -30.78
CA GLN A 293 7.39 -16.63 -30.96
C GLN A 293 8.31 -17.47 -30.09
N ASN A 294 7.73 -18.37 -29.28
CA ASN A 294 8.49 -19.17 -28.31
C ASN A 294 8.00 -20.62 -28.30
N GLY A 295 7.65 -21.14 -29.48
CA GLY A 295 7.24 -22.52 -29.62
C GLY A 295 6.11 -22.93 -28.70
N GLY A 296 5.19 -22.00 -28.42
CA GLY A 296 4.00 -22.30 -27.64
C GLY A 296 4.16 -22.02 -26.14
N ALA A 297 5.35 -21.61 -25.68
CA ALA A 297 5.55 -21.24 -24.27
C ALA A 297 4.58 -20.12 -23.83
N ALA A 298 3.95 -20.30 -22.67
CA ALA A 298 2.87 -19.42 -22.25
C ALA A 298 2.76 -19.45 -20.75
N MET A 299 2.13 -18.40 -20.22
CA MET A 299 1.96 -18.27 -18.78
C MET A 299 0.80 -17.33 -18.51
N VAL A 300 0.16 -17.49 -17.35
CA VAL A 300 -0.74 -16.48 -16.81
C VAL A 300 0.12 -15.52 -16.00
N ARG A 301 -0.13 -14.23 -16.19
CA ARG A 301 0.54 -13.15 -15.45
C ARG A 301 -0.49 -12.50 -14.54
N ARG A 302 -0.14 -12.33 -13.26
CA ARG A 302 -1.08 -11.82 -12.28
C ARG A 302 -0.27 -11.10 -11.19
N PRO A 303 0.22 -9.88 -11.53
CA PRO A 303 1.20 -9.15 -10.73
C PRO A 303 0.61 -8.23 -9.69
N PHE A 304 1.49 -7.67 -8.89
CA PHE A 304 1.23 -6.45 -8.15
C PHE A 304 2.36 -5.46 -8.45
N SER A 305 2.05 -4.17 -8.39
CA SER A 305 3.09 -3.16 -8.47
C SER A 305 3.64 -2.91 -7.04
N TYR A 306 4.87 -2.40 -6.94
CA TYR A 306 5.46 -2.07 -5.63
C TYR A 306 6.18 -0.74 -5.66
N HIS A 307 6.20 -0.16 -4.49
CA HIS A 307 7.02 1.01 -4.20
C HIS A 307 7.35 1.02 -2.71
N ASP A 308 8.63 0.86 -2.39
CA ASP A 308 9.07 0.76 -1.00
C ASP A 308 9.85 1.97 -0.50
N GLY A 309 9.87 3.02 -1.30
CA GLY A 309 10.51 4.27 -0.85
C GLY A 309 11.67 4.56 -1.76
N PHE A 310 12.53 5.45 -1.31
CA PHE A 310 13.65 5.96 -2.06
C PHE A 310 14.95 5.67 -1.31
N ASP A 311 16.01 5.35 -2.05
CA ASP A 311 17.32 5.18 -1.42
C ASP A 311 17.91 6.54 -1.09
N ALA A 312 19.05 6.54 -0.40
CA ALA A 312 19.72 7.77 0.01
C ALA A 312 20.04 8.69 -1.16
N ASP A 313 20.19 8.12 -2.35
CA ASP A 313 20.48 8.91 -3.54
C ASP A 313 19.25 9.35 -4.35
N GLY A 314 18.03 9.10 -3.87
CA GLY A 314 16.81 9.51 -4.60
C GLY A 314 16.26 8.54 -5.63
N VAL A 315 16.73 7.29 -5.63
CA VAL A 315 16.30 6.31 -6.63
C VAL A 315 15.09 5.57 -6.05
N PRO A 316 14.00 5.49 -6.80
CA PRO A 316 12.84 4.80 -6.21
C PRO A 316 13.00 3.29 -6.23
N ASP A 317 12.72 2.66 -5.09
CA ASP A 317 12.65 1.20 -5.02
C ASP A 317 11.25 0.77 -5.41
N ALA A 318 10.98 0.81 -6.72
CA ALA A 318 9.63 0.68 -7.26
C ALA A 318 9.66 -0.18 -8.49
N GLY A 319 8.58 -0.87 -8.75
CA GLY A 319 8.57 -1.76 -9.89
C GLY A 319 7.36 -2.67 -9.93
N LEU A 320 7.62 -3.91 -10.35
CA LEU A 320 6.55 -4.92 -10.50
C LEU A 320 6.92 -6.18 -9.78
N LEU A 321 6.01 -6.67 -8.93
CA LEU A 321 6.11 -8.04 -8.41
C LEU A 321 5.46 -8.89 -9.46
N PHE A 322 6.31 -9.37 -10.37
CA PHE A 322 5.89 -10.20 -11.49
C PHE A 322 5.59 -11.58 -10.90
N VAL A 323 4.39 -12.08 -11.15
CA VAL A 323 3.93 -13.37 -10.63
C VAL A 323 3.27 -14.10 -11.78
N CYS A 324 3.92 -15.16 -12.27
CA CYS A 324 3.37 -15.89 -13.41
C CYS A 324 3.14 -17.35 -13.06
N TRP A 325 2.20 -17.93 -13.79
CA TRP A 325 1.64 -19.24 -13.50
C TRP A 325 1.71 -20.08 -14.79
N GLN A 326 2.20 -21.32 -14.66
CA GLN A 326 2.30 -22.25 -15.78
C GLN A 326 2.31 -23.69 -15.29
N ALA A 327 1.96 -24.64 -16.16
CA ALA A 327 2.01 -26.06 -15.81
C ALA A 327 3.44 -26.53 -15.70
N ASP A 328 4.37 -25.90 -16.41
CA ASP A 328 5.77 -26.28 -16.41
C ASP A 328 6.65 -25.05 -16.70
N PRO A 329 7.54 -24.63 -15.77
CA PRO A 329 8.37 -23.43 -16.09
C PRO A 329 9.19 -23.51 -17.37
N LEU A 330 9.62 -24.73 -17.73
CA LEU A 330 10.34 -24.92 -18.98
C LEU A 330 9.48 -24.73 -20.24
N ARG A 331 8.15 -24.67 -20.11
CA ARG A 331 7.25 -24.27 -21.20
C ARG A 331 6.54 -22.94 -20.93
N GLY A 332 7.14 -22.08 -20.11
CA GLY A 332 6.54 -20.79 -19.77
C GLY A 332 7.64 -19.78 -19.50
N PHE A 333 7.79 -19.39 -18.24
CA PHE A 333 8.77 -18.38 -17.84
C PHE A 333 10.17 -18.59 -18.38
N VAL A 334 10.69 -19.82 -18.29
CA VAL A 334 12.11 -20.05 -18.52
C VAL A 334 12.53 -19.72 -19.97
N PRO A 335 11.90 -20.34 -20.98
CA PRO A 335 12.31 -20.02 -22.36
C PRO A 335 12.04 -18.58 -22.79
N VAL A 336 10.98 -17.97 -22.27
CA VAL A 336 10.68 -16.58 -22.60
C VAL A 336 11.75 -15.70 -21.98
N GLN A 337 12.05 -15.88 -20.69
CA GLN A 337 13.11 -15.08 -20.06
C GLN A 337 14.48 -15.28 -20.70
N ARG A 338 14.79 -16.50 -21.17
CA ARG A 338 16.06 -16.72 -21.90
C ARG A 338 16.12 -15.79 -23.09
N LYS A 339 14.98 -15.67 -23.79
CA LYS A 339 14.87 -14.77 -24.93
C LYS A 339 14.90 -13.31 -24.54
N LEU A 340 14.22 -12.95 -23.45
CA LEU A 340 14.21 -11.53 -23.05
C LEU A 340 15.56 -11.01 -22.55
N ASP A 341 16.30 -11.91 -21.90
CA ASP A 341 17.49 -11.59 -21.10
C ASP A 341 18.34 -10.46 -21.70
N ARG A 342 18.86 -10.71 -22.91
CA ARG A 342 19.53 -9.69 -23.73
C ARG A 342 18.73 -9.20 -24.94
N GLY A 343 17.80 -10.03 -25.44
CA GLY A 343 17.04 -9.70 -26.63
C GLY A 343 15.95 -8.64 -26.52
N ASP A 344 15.43 -8.38 -25.32
CA ASP A 344 14.25 -7.54 -25.16
C ASP A 344 14.66 -6.07 -25.05
N ALA A 345 14.04 -5.20 -25.84
CA ALA A 345 14.23 -3.75 -25.67
C ALA A 345 13.95 -3.31 -24.23
N LEU A 346 13.03 -3.98 -23.55
CA LEU A 346 12.66 -3.58 -22.18
C LEU A 346 13.76 -3.83 -21.16
N SER A 347 14.65 -4.77 -21.41
CA SER A 347 15.63 -5.22 -20.42
C SER A 347 16.52 -4.11 -19.87
N GLN A 348 16.80 -3.13 -20.72
CA GLN A 348 17.62 -1.98 -20.37
C GLN A 348 17.00 -1.15 -19.22
N PHE A 349 15.68 -1.25 -19.10
CA PHE A 349 14.91 -0.35 -18.19
C PHE A 349 14.35 -1.04 -16.97
N ILE A 350 14.77 -2.29 -16.77
CA ILE A 350 14.35 -3.06 -15.62
C ILE A 350 15.53 -3.82 -14.97
N ARG A 351 15.35 -4.22 -13.71
CA ARG A 351 16.38 -5.03 -13.06
C ARG A 351 15.73 -6.09 -12.18
N HIS A 352 15.96 -7.35 -12.50
CA HIS A 352 15.41 -8.44 -11.70
C HIS A 352 16.23 -8.57 -10.41
N GLU A 353 15.59 -8.31 -9.28
CA GLU A 353 16.31 -8.23 -8.00
C GLU A 353 15.94 -9.27 -6.95
N ALA A 354 14.91 -10.08 -7.22
CA ALA A 354 14.62 -11.25 -6.37
C ALA A 354 13.82 -12.24 -7.19
N SER A 355 13.82 -13.51 -6.78
CA SER A 355 13.19 -14.56 -7.56
C SER A 355 12.68 -15.67 -6.65
N GLY A 356 11.65 -16.37 -7.07
CA GLY A 356 11.18 -17.57 -6.34
C GLY A 356 10.45 -18.44 -7.34
N LEU A 357 10.60 -19.75 -7.18
CA LEU A 357 9.90 -20.74 -7.98
C LEU A 357 9.23 -21.71 -7.01
N PHE A 358 7.89 -21.75 -7.02
CA PHE A 358 7.15 -22.58 -6.05
C PHE A 358 6.13 -23.50 -6.71
N ALA A 359 5.96 -24.69 -6.11
CA ALA A 359 4.96 -25.66 -6.51
C ALA A 359 3.68 -25.41 -5.73
N VAL A 360 2.64 -25.01 -6.42
CA VAL A 360 1.38 -24.61 -5.79
C VAL A 360 0.38 -25.72 -6.12
N PRO A 361 0.10 -26.61 -5.15
CA PRO A 361 -0.78 -27.75 -5.47
C PRO A 361 -2.23 -27.37 -5.71
N GLY A 362 -3.05 -28.36 -6.03
CA GLY A 362 -4.49 -28.14 -6.20
C GLY A 362 -5.18 -27.56 -4.98
N GLY A 363 -6.41 -27.10 -5.16
CA GLY A 363 -7.15 -26.50 -4.07
C GLY A 363 -7.56 -27.55 -3.05
N ALA A 364 -7.82 -27.10 -1.85
CA ALA A 364 -8.36 -27.99 -0.80
C ALA A 364 -9.82 -28.35 -1.06
N ALA A 365 -10.14 -29.64 -1.07
CA ALA A 365 -11.55 -30.06 -1.04
C ALA A 365 -12.09 -29.78 0.37
N GLU A 366 -13.41 -29.69 0.48
CA GLU A 366 -14.07 -29.68 1.80
C GLU A 366 -13.53 -30.85 2.67
N GLY A 367 -13.19 -30.55 3.92
CA GLY A 367 -12.57 -31.53 4.82
C GLY A 367 -11.09 -31.80 4.64
N GLU A 368 -10.40 -31.00 3.80
CA GLU A 368 -8.98 -31.19 3.54
C GLU A 368 -8.21 -29.90 3.79
N TYR A 369 -6.89 -30.07 3.84
CA TYR A 369 -5.96 -28.94 3.85
C TYR A 369 -5.09 -28.95 2.57
N VAL A 370 -4.56 -27.77 2.25
CA VAL A 370 -3.72 -27.59 1.07
C VAL A 370 -2.42 -28.37 1.24
N GLY A 371 -2.06 -29.17 0.23
CA GLY A 371 -0.83 -29.95 0.28
C GLY A 371 -0.95 -31.28 1.02
N GLN A 372 -2.19 -31.69 1.28
CA GLN A 372 -2.42 -32.90 2.09
C GLN A 372 -1.89 -34.16 1.44
N ARG A 373 -2.04 -34.27 0.11
CA ARG A 373 -1.46 -35.45 -0.58
C ARG A 373 0.06 -35.53 -0.50
N LEU A 374 0.73 -34.37 -0.43
CA LEU A 374 2.15 -34.34 -0.24
C LEU A 374 2.53 -34.71 1.20
N LEU A 375 1.85 -34.10 2.17
CA LEU A 375 2.40 -33.99 3.52
C LEU A 375 1.97 -35.06 4.50
N GLU A 376 0.84 -35.69 4.25
CA GLU A 376 0.36 -36.74 5.13
C GLU A 376 1.42 -37.88 5.30
N GLY A 377 1.45 -38.47 6.50
CA GLY A 377 2.43 -39.49 6.86
C GLY A 377 2.80 -39.41 8.32
N ALA B 1 -28.47 4.78 -3.54
CA ALA B 1 -27.31 3.81 -3.58
C ALA B 1 -26.04 4.52 -4.03
N THR B 2 -24.91 4.25 -3.36
CA THR B 2 -23.62 4.82 -3.82
C THR B 2 -23.00 3.88 -4.85
N PRO B 3 -22.80 4.37 -6.08
CA PRO B 3 -22.22 3.47 -7.07
C PRO B 3 -20.70 3.23 -6.85
N LEU B 4 -20.22 2.06 -7.25
CA LEU B 4 -18.78 1.72 -7.19
C LEU B 4 -17.92 2.80 -7.86
N THR B 5 -18.38 3.31 -8.98
CA THR B 5 -17.65 4.33 -9.73
C THR B 5 -17.39 5.61 -8.96
N SER B 6 -18.10 5.85 -7.85
CA SER B 6 -17.85 7.04 -7.02
C SER B 6 -16.46 7.08 -6.41
N LEU B 7 -15.85 5.91 -6.22
CA LEU B 7 -14.49 5.82 -5.71
C LEU B 7 -13.53 6.58 -6.61
N GLY B 8 -13.62 6.32 -7.91
CA GLY B 8 -12.84 7.08 -8.87
C GLY B 8 -13.28 8.48 -9.21
N SER B 9 -14.60 8.71 -9.28
N SER B 9 -14.60 8.71 -9.27
CA SER B 9 -15.14 9.98 -9.75
CA SER B 9 -15.13 10.00 -9.73
C SER B 9 -15.09 11.09 -8.67
C SER B 9 -15.04 11.10 -8.67
N GLU B 10 -15.01 10.72 -7.39
CA GLU B 10 -14.98 11.70 -6.32
C GLU B 10 -13.73 12.59 -6.44
N GLN B 11 -13.93 13.88 -6.28
CA GLN B 11 -12.90 14.86 -6.60
C GLN B 11 -12.84 15.85 -5.49
N ALA B 12 -11.64 16.07 -4.96
CA ALA B 12 -11.45 17.06 -3.91
C ALA B 12 -10.98 18.38 -4.51
N MET B 13 -11.37 19.49 -3.88
CA MET B 13 -11.00 20.82 -4.33
C MET B 13 -9.55 21.13 -3.98
N PHE B 14 -8.80 21.64 -4.95
CA PHE B 14 -7.46 22.17 -4.72
C PHE B 14 -7.55 23.59 -4.16
N HIS B 15 -8.26 24.45 -4.88
CA HIS B 15 -8.48 25.82 -4.42
C HIS B 15 -9.45 25.86 -3.24
N GLY B 16 -9.15 26.72 -2.28
CA GLY B 16 -10.03 26.90 -1.14
C GLY B 16 -9.41 27.74 -0.06
N LYS B 17 -10.21 28.06 0.95
CA LYS B 17 -9.78 28.78 2.15
C LYS B 17 -8.63 28.00 2.83
N HIS B 18 -8.87 26.70 3.01
CA HIS B 18 -7.89 25.78 3.63
C HIS B 18 -7.34 24.83 2.58
N GLN B 19 -6.13 24.33 2.78
CA GLN B 19 -5.59 23.33 1.85
C GLN B 19 -6.36 22.04 2.04
N PRO B 20 -6.46 21.23 0.99
CA PRO B 20 -7.03 19.91 1.10
C PRO B 20 -6.11 19.00 1.94
N GLY B 21 -6.65 17.86 2.40
CA GLY B 21 -5.91 16.90 3.21
C GLY B 21 -5.91 17.12 4.71
N ILE B 22 -6.82 17.98 5.19
CA ILE B 22 -6.94 18.35 6.61
C ILE B 22 -8.31 17.89 7.09
N THR B 23 -9.37 18.40 6.45
CA THR B 23 -10.73 17.98 6.75
C THR B 23 -11.28 16.96 5.75
N THR B 24 -10.51 16.70 4.70
CA THR B 24 -10.86 15.72 3.68
C THR B 24 -11.08 14.36 4.33
N PRO B 25 -12.09 13.60 3.84
CA PRO B 25 -12.22 12.26 4.40
C PRO B 25 -10.95 11.41 4.24
N MET B 26 -10.81 10.46 5.15
CA MET B 26 -9.81 9.41 5.10
C MET B 26 -9.68 8.80 3.72
N GLN B 27 -8.42 8.61 3.29
CA GLN B 27 -8.12 7.96 2.03
C GLN B 27 -7.40 6.64 2.17
N ALA B 28 -7.62 5.73 1.20
CA ALA B 28 -7.10 4.38 1.28
C ALA B 28 -5.58 4.28 1.15
N ARG B 29 -4.97 5.26 0.46
CA ARG B 29 -3.54 5.24 0.18
C ARG B 29 -2.93 6.58 0.53
N GLY B 30 -1.78 6.54 1.22
CA GLY B 30 -1.04 7.74 1.60
C GLY B 30 0.46 7.59 1.33
N HIS B 31 1.07 8.71 0.94
CA HIS B 31 2.51 8.87 0.79
C HIS B 31 2.86 10.20 1.45
N LEU B 32 3.71 10.11 2.48
CA LEU B 32 4.29 11.30 3.12
C LEU B 32 5.73 11.43 2.68
N VAL B 33 6.15 12.66 2.37
CA VAL B 33 7.52 12.90 1.91
C VAL B 33 8.04 14.21 2.49
N ALA B 34 9.33 14.21 2.85
CA ALA B 34 10.04 15.42 3.23
C ALA B 34 11.17 15.66 2.26
N PHE B 35 11.37 16.94 1.90
CA PHE B 35 12.44 17.34 0.99
C PHE B 35 13.31 18.37 1.68
N ASP B 36 14.60 18.32 1.39
CA ASP B 36 15.54 19.33 1.81
C ASP B 36 16.02 20.09 0.58
N LEU B 37 16.02 21.42 0.66
CA LEU B 37 16.50 22.28 -0.40
C LEU B 37 17.98 21.99 -0.66
N ALA B 38 18.33 21.99 -1.95
CA ALA B 38 19.68 21.70 -2.37
C ALA B 38 20.58 22.83 -1.97
N ALA B 39 21.89 22.55 -1.90
CA ALA B 39 22.87 23.60 -1.63
C ALA B 39 22.71 24.67 -2.71
N GLY B 40 22.67 25.93 -2.30
CA GLY B 40 22.51 27.02 -3.27
C GLY B 40 21.08 27.33 -3.70
N ALA B 41 20.09 26.59 -3.20
CA ALA B 41 18.70 26.92 -3.50
C ALA B 41 18.25 27.84 -2.39
N GLY B 42 17.85 29.05 -2.74
CA GLY B 42 17.30 30.00 -1.79
C GLY B 42 15.83 30.35 -2.05
N ARG B 43 15.44 31.56 -1.64
CA ARG B 43 14.09 32.04 -1.79
C ARG B 43 13.54 31.87 -3.21
N LYS B 44 14.32 32.32 -4.19
CA LYS B 44 13.82 32.34 -5.57
C LYS B 44 13.63 30.91 -6.11
N GLU B 45 14.56 30.01 -5.78
CA GLU B 45 14.44 28.62 -6.20
C GLU B 45 13.26 27.92 -5.48
N ALA B 46 13.11 28.21 -4.21
CA ALA B 46 11.99 27.69 -3.42
C ALA B 46 10.62 28.15 -3.93
N ALA B 47 10.51 29.42 -4.29
CA ALA B 47 9.27 29.95 -4.88
C ALA B 47 8.94 29.23 -6.21
N ALA B 48 9.96 29.03 -7.05
CA ALA B 48 9.77 28.35 -8.32
C ALA B 48 9.29 26.91 -8.10
N LEU B 49 9.87 26.26 -7.09
CA LEU B 49 9.49 24.88 -6.75
C LEU B 49 8.02 24.81 -6.29
N LEU B 50 7.62 25.71 -5.40
CA LEU B 50 6.22 25.75 -4.94
C LEU B 50 5.24 26.07 -6.08
N ARG B 51 5.66 26.90 -7.03
CA ARG B 51 4.81 27.12 -8.21
C ARG B 51 4.67 25.84 -9.00
N ARG B 52 5.78 25.16 -9.28
CA ARG B 52 5.75 23.90 -10.05
C ARG B 52 4.85 22.88 -9.33
N TRP B 53 5.06 22.69 -8.03
CA TRP B 53 4.26 21.76 -7.23
C TRP B 53 2.75 22.06 -7.22
N SER B 54 2.42 23.34 -7.13
CA SER B 54 1.03 23.78 -7.07
C SER B 54 0.36 23.61 -8.42
N ASP B 55 1.07 23.92 -9.51
CA ASP B 55 0.55 23.66 -10.85
C ASP B 55 0.29 22.16 -11.04
N THR B 56 1.25 21.34 -10.62
CA THR B 56 1.08 19.90 -10.67
C THR B 56 -0.09 19.41 -9.83
N ALA B 57 -0.17 19.88 -8.59
CA ALA B 57 -1.23 19.46 -7.69
C ALA B 57 -2.64 19.79 -8.24
N ARG B 58 -2.77 21.00 -8.79
N ARG B 58 -2.80 21.00 -8.78
CA ARG B 58 -4.03 21.49 -9.34
CA ARG B 58 -4.09 21.42 -9.34
C ARG B 58 -4.49 20.54 -10.46
C ARG B 58 -4.51 20.48 -10.45
N ARG B 59 -3.58 20.24 -11.39
CA ARG B 59 -3.85 19.30 -12.50
CA ARG B 59 -3.88 19.33 -12.49
C ARG B 59 -4.20 17.92 -11.99
N LEU B 60 -3.36 17.35 -11.14
CA LEU B 60 -3.57 15.97 -10.72
C LEU B 60 -4.85 15.78 -9.91
N MET B 61 -5.17 16.75 -9.07
CA MET B 61 -6.39 16.66 -8.26
C MET B 61 -7.66 16.72 -9.09
N ALA B 62 -7.57 17.27 -10.32
CA ALA B 62 -8.70 17.29 -11.27
C ALA B 62 -8.66 16.08 -12.21
N GLY B 63 -7.77 15.13 -11.96
CA GLY B 63 -7.64 13.95 -12.82
C GLY B 63 -7.00 14.23 -14.16
N GLU B 64 -6.32 15.36 -14.30
CA GLU B 64 -5.64 15.76 -15.55
C GLU B 64 -4.16 15.35 -15.49
N PRO B 65 -3.51 15.16 -16.65
CA PRO B 65 -2.12 14.74 -16.62
C PRO B 65 -1.24 15.87 -16.15
N ALA B 66 -0.02 15.53 -15.76
CA ALA B 66 0.97 16.51 -15.31
C ALA B 66 1.31 17.46 -16.44
N GLY B 67 1.77 18.67 -16.09
CA GLY B 67 2.13 19.72 -17.04
C GLY B 67 3.15 19.27 -18.06
N SER B 68 4.17 18.53 -17.59
CA SER B 68 5.21 17.95 -18.46
C SER B 68 4.97 16.43 -18.66
N ARG B 69 5.52 15.89 -19.74
CA ARG B 69 5.08 14.59 -20.34
C ARG B 69 4.70 13.50 -19.30
N ASP B 70 3.41 13.37 -19.12
CA ASP B 70 2.85 12.55 -18.06
C ASP B 70 3.20 11.06 -18.27
N THR B 71 3.38 10.33 -17.18
CA THR B 71 3.79 8.90 -17.27
C THR B 71 2.68 7.92 -17.67
N ASP B 72 1.42 8.39 -17.64
CA ASP B 72 0.23 7.61 -17.96
C ASP B 72 -0.14 6.62 -16.85
N VAL B 73 0.53 6.69 -15.69
CA VAL B 73 0.28 5.73 -14.63
C VAL B 73 -1.15 5.85 -14.10
N ALA B 74 -1.67 7.07 -14.05
CA ALA B 74 -3.05 7.31 -13.54
C ALA B 74 -4.09 7.35 -14.64
N ARG B 75 -3.67 7.08 -15.88
CA ARG B 75 -4.56 7.24 -17.01
C ARG B 75 -5.67 6.22 -16.86
N ASP B 76 -6.88 6.57 -17.30
CA ASP B 76 -8.06 5.72 -17.19
C ASP B 76 -8.84 6.09 -15.91
N ALA B 77 -8.12 6.47 -14.84
CA ALA B 77 -8.77 6.66 -13.55
C ALA B 77 -9.37 8.05 -13.44
N GLY B 78 -10.35 8.17 -12.56
CA GLY B 78 -10.82 9.47 -12.11
C GLY B 78 -9.89 10.04 -11.03
N PRO B 79 -10.19 11.23 -10.53
CA PRO B 79 -9.37 11.86 -9.47
C PRO B 79 -9.19 11.00 -8.21
N SER B 80 -10.18 10.13 -7.92
CA SER B 80 -10.05 9.15 -6.84
C SER B 80 -9.77 9.81 -5.48
N SER B 81 -10.40 10.97 -5.26
CA SER B 81 -10.21 11.78 -4.06
C SER B 81 -8.73 12.13 -3.79
N LEU B 82 -7.91 12.26 -4.83
CA LEU B 82 -6.50 12.70 -4.64
C LEU B 82 -6.48 14.05 -3.94
N THR B 83 -5.66 14.15 -2.89
CA THR B 83 -5.27 15.45 -2.34
C THR B 83 -3.76 15.54 -2.22
N VAL B 84 -3.26 16.76 -2.36
CA VAL B 84 -1.84 17.09 -2.18
C VAL B 84 -1.79 18.28 -1.25
N THR B 85 -1.01 18.14 -0.18
CA THR B 85 -0.94 19.15 0.88
C THR B 85 0.55 19.50 1.13
N PHE B 86 0.88 20.79 1.28
CA PHE B 86 2.27 21.25 1.43
C PHE B 86 2.52 21.95 2.76
N GLY B 87 3.63 21.61 3.40
CA GLY B 87 4.08 22.31 4.61
C GLY B 87 5.53 22.73 4.62
N PHE B 88 5.85 23.65 5.53
CA PHE B 88 7.20 24.18 5.69
C PHE B 88 7.73 23.86 7.08
N GLY B 89 8.95 23.32 7.14
CA GLY B 89 9.66 23.04 8.38
C GLY B 89 10.41 24.22 8.94
N HIS B 90 10.73 24.16 10.24
CA HIS B 90 11.55 25.19 10.92
C HIS B 90 12.78 25.53 10.07
N SER B 91 13.47 24.51 9.58
CA SER B 91 14.71 24.71 8.80
C SER B 91 14.56 25.46 7.48
N PHE B 92 13.37 25.45 6.87
CA PHE B 92 13.13 26.13 5.59
C PHE B 92 13.50 27.62 5.65
N PHE B 93 13.19 28.26 6.78
CA PHE B 93 13.23 29.72 6.91
C PHE B 93 14.66 30.26 6.87
N GLY B 94 15.57 29.54 7.52
CA GLY B 94 17.00 29.84 7.46
C GLY B 94 17.71 29.60 6.14
N ARG B 95 17.11 28.81 5.25
CA ARG B 95 17.62 28.54 3.91
C ARG B 95 17.20 29.61 2.90
N THR B 96 16.19 30.39 3.21
CA THR B 96 15.53 31.25 2.23
C THR B 96 15.45 32.70 2.67
N GLY B 97 16.26 33.07 3.67
CA GLY B 97 16.24 34.43 4.25
C GLY B 97 14.91 34.88 4.84
N LEU B 98 14.13 33.92 5.35
CA LEU B 98 12.79 34.18 5.86
C LEU B 98 12.63 33.96 7.37
N GLU B 99 13.73 34.11 8.11
CA GLU B 99 13.76 33.87 9.55
C GLU B 99 12.73 34.73 10.30
N LYS B 100 12.56 35.97 9.86
CA LYS B 100 11.63 36.87 10.51
C LYS B 100 10.17 36.40 10.34
N GLN B 101 9.90 35.59 9.31
CA GLN B 101 8.58 35.01 9.08
C GLN B 101 8.41 33.60 9.65
N ARG B 102 9.41 33.08 10.35
CA ARG B 102 9.28 31.77 10.95
C ARG B 102 8.30 31.82 12.15
N PRO B 103 7.18 31.07 12.09
CA PRO B 103 6.25 31.14 13.23
C PRO B 103 6.85 30.56 14.50
N VAL B 104 6.49 31.15 15.64
CA VAL B 104 6.83 30.62 16.94
C VAL B 104 6.31 29.18 17.06
N ALA B 105 5.18 28.92 16.41
CA ALA B 105 4.59 27.58 16.38
C ALA B 105 5.50 26.48 15.83
N LEU B 106 6.54 26.84 15.07
CA LEU B 106 7.51 25.84 14.59
C LEU B 106 8.70 25.59 15.56
N ASP B 107 8.67 26.17 16.76
CA ASP B 107 9.70 25.86 17.75
C ASP B 107 9.76 24.34 17.96
N PRO B 108 10.98 23.75 18.13
CA PRO B 108 11.13 22.30 18.17
C PRO B 108 10.24 21.66 19.21
N LEU B 109 9.67 20.52 18.84
CA LEU B 109 8.92 19.72 19.79
C LEU B 109 9.83 19.31 20.93
N PRO B 110 9.25 19.01 22.11
CA PRO B 110 10.11 18.54 23.20
C PRO B 110 10.81 17.23 22.91
N ASP B 111 11.92 17.04 23.61
CA ASP B 111 12.62 15.75 23.66
C ASP B 111 11.92 14.90 24.69
N PHE B 112 10.90 14.18 24.28
CA PHE B 112 10.10 13.41 25.23
C PHE B 112 10.92 12.20 25.66
N SER B 113 10.75 11.78 26.91
CA SER B 113 11.54 10.67 27.45
C SER B 113 11.33 9.38 26.67
N SER B 114 10.15 9.18 26.11
CA SER B 114 9.86 7.98 25.33
C SER B 114 10.24 8.09 23.86
N ASP B 115 10.82 9.21 23.41
CA ASP B 115 11.22 9.32 22.02
C ASP B 115 12.29 8.27 21.62
N HIS B 116 12.19 7.75 20.40
CA HIS B 116 13.21 6.90 19.80
C HIS B 116 13.35 7.33 18.34
N LEU B 117 13.59 8.61 18.14
CA LEU B 117 13.51 9.20 16.80
C LEU B 117 14.77 8.98 15.96
N ASP B 118 14.58 8.44 14.76
CA ASP B 118 15.59 8.48 13.71
C ASP B 118 15.51 9.89 13.13
N LYS B 119 16.51 10.71 13.45
CA LYS B 119 16.49 12.11 13.07
C LYS B 119 16.69 12.35 11.59
N ASN B 120 17.32 11.40 10.91
CA ASN B 120 17.46 11.49 9.47
C ASN B 120 16.07 11.36 8.81
N ARG B 121 15.21 10.50 9.38
CA ARG B 121 13.84 10.26 8.92
C ARG B 121 12.80 11.15 9.59
N SER B 122 13.27 12.27 10.15
CA SER B 122 12.42 13.22 10.82
C SER B 122 12.61 14.59 10.21
N ASN B 123 11.68 15.50 10.49
CA ASN B 123 11.86 16.90 10.15
C ASN B 123 12.06 17.12 8.65
N GLY B 124 12.79 18.16 8.24
CA GLY B 124 12.98 18.48 6.81
C GLY B 124 12.51 19.87 6.48
N ASP B 125 13.03 20.43 5.39
CA ASP B 125 12.63 21.78 5.01
C ASP B 125 11.18 21.89 4.51
N LEU B 126 10.72 20.87 3.77
CA LEU B 126 9.43 20.86 3.09
C LEU B 126 8.76 19.50 3.29
N TRP B 127 7.44 19.52 3.40
CA TRP B 127 6.65 18.32 3.59
C TRP B 127 5.52 18.29 2.59
N VAL B 128 5.30 17.11 2.02
CA VAL B 128 4.18 16.89 1.15
C VAL B 128 3.40 15.66 1.60
N GLN B 129 2.08 15.83 1.71
CA GLN B 129 1.18 14.71 2.02
C GLN B 129 0.36 14.44 0.75
N ILE B 130 0.44 13.22 0.25
N ILE B 130 0.45 13.21 0.25
CA ILE B 130 -0.37 12.77 -0.88
CA ILE B 130 -0.32 12.73 -0.90
C ILE B 130 -1.27 11.64 -0.39
C ILE B 130 -1.26 11.61 -0.44
N GLY B 131 -2.55 11.73 -0.73
CA GLY B 131 -3.52 10.65 -0.42
C GLY B 131 -4.53 10.49 -1.56
N ALA B 132 -5.03 9.27 -1.74
CA ALA B 132 -6.09 8.98 -2.74
C ALA B 132 -6.64 7.64 -2.43
N ASP B 133 -7.77 7.32 -3.05
CA ASP B 133 -8.38 6.00 -2.89
C ASP B 133 -7.91 4.98 -3.88
N ASP B 134 -7.09 5.40 -4.86
CA ASP B 134 -6.47 4.49 -5.80
C ASP B 134 -4.94 4.60 -5.70
N ALA B 135 -4.29 3.45 -5.67
CA ALA B 135 -2.86 3.38 -5.45
C ALA B 135 -2.07 3.88 -6.66
N LEU B 136 -2.60 3.70 -7.87
CA LEU B 136 -1.91 4.23 -9.06
C LEU B 136 -2.06 5.73 -9.12
N VAL B 137 -3.25 6.24 -8.85
CA VAL B 137 -3.43 7.70 -8.71
C VAL B 137 -2.47 8.28 -7.66
N ALA B 138 -2.36 7.62 -6.52
CA ALA B 138 -1.45 8.13 -5.47
C ALA B 138 0.02 8.06 -5.83
N PHE B 139 0.46 6.95 -6.38
CA PHE B 139 1.85 6.82 -6.73
C PHE B 139 2.22 7.82 -7.83
N HIS B 140 1.35 7.91 -8.85
CA HIS B 140 1.55 8.89 -9.92
C HIS B 140 1.79 10.31 -9.36
N ALA B 141 0.99 10.69 -8.36
CA ALA B 141 1.14 12.00 -7.75
C ALA B 141 2.44 12.14 -6.96
N LEU B 142 2.79 11.12 -6.18
CA LEU B 142 4.06 11.14 -5.48
C LEU B 142 5.24 11.34 -6.43
N ARG B 143 5.25 10.53 -7.48
CA ARG B 143 6.31 10.56 -8.47
C ARG B 143 6.38 11.93 -9.17
N ALA B 144 5.24 12.52 -9.49
CA ALA B 144 5.25 13.85 -10.19
C ALA B 144 5.77 14.95 -9.27
N ILE B 145 5.36 14.93 -8.02
CA ILE B 145 5.86 15.91 -7.05
C ILE B 145 7.37 15.70 -6.85
N GLN B 146 7.78 14.46 -6.71
CA GLN B 146 9.17 14.19 -6.46
C GLN B 146 10.01 14.59 -7.67
N ARG B 147 9.51 14.33 -8.88
CA ARG B 147 10.21 14.72 -10.10
C ARG B 147 10.24 16.23 -10.34
N ASP B 148 9.19 16.92 -9.90
CA ASP B 148 9.17 18.39 -9.93
C ASP B 148 10.30 18.98 -9.09
N ALA B 149 10.68 18.30 -8.00
CA ALA B 149 11.76 18.81 -7.15
C ALA B 149 13.10 18.81 -7.85
N GLY B 150 13.33 17.80 -8.68
CA GLY B 150 14.53 17.70 -9.49
C GLY B 150 15.78 17.89 -8.66
N ALA B 151 16.64 18.80 -9.10
CA ALA B 151 17.87 19.07 -8.37
C ALA B 151 17.69 20.18 -7.34
N ALA B 152 16.53 20.85 -7.34
CA ALA B 152 16.25 21.96 -6.40
C ALA B 152 16.05 21.49 -4.94
N ALA B 153 15.65 20.24 -4.77
CA ALA B 153 15.44 19.69 -3.44
C ALA B 153 15.60 18.18 -3.53
N ARG B 154 16.14 17.55 -2.49
CA ARG B 154 16.29 16.08 -2.46
C ARG B 154 15.26 15.47 -1.52
N VAL B 155 14.87 14.22 -1.79
CA VAL B 155 14.05 13.49 -0.86
C VAL B 155 14.86 13.19 0.39
N ARG B 156 14.38 13.65 1.53
CA ARG B 156 15.02 13.40 2.81
C ARG B 156 14.49 12.09 3.41
N TRP B 157 13.18 11.96 3.41
CA TRP B 157 12.52 10.72 3.89
C TRP B 157 11.19 10.58 3.19
N GLN B 158 10.70 9.34 3.11
CA GLN B 158 9.46 9.09 2.43
C GLN B 158 8.81 7.82 2.95
N MET B 159 7.56 7.93 3.41
CA MET B 159 6.85 6.83 4.08
C MET B 159 5.54 6.56 3.38
N ASN B 160 5.14 5.29 3.33
CA ASN B 160 3.93 4.86 2.68
C ASN B 160 2.95 4.33 3.70
N GLY B 161 1.68 4.60 3.44
CA GLY B 161 0.62 4.11 4.32
C GLY B 161 -0.66 3.75 3.63
N PHE B 162 -1.59 3.24 4.42
CA PHE B 162 -2.85 2.78 3.89
C PHE B 162 -3.93 2.88 4.93
N ASN B 163 -5.17 2.83 4.45
CA ASN B 163 -6.35 2.76 5.30
C ASN B 163 -7.38 1.85 4.66
N ARG B 164 -8.47 1.61 5.38
CA ARG B 164 -9.65 0.94 4.82
C ARG B 164 -10.08 1.65 3.52
N SER B 165 -10.54 0.87 2.56
CA SER B 165 -11.08 1.43 1.33
CA SER B 165 -11.08 1.39 1.30
C SER B 165 -12.56 1.80 1.42
N PRO B 166 -12.99 2.81 0.66
CA PRO B 166 -14.46 2.97 0.53
C PRO B 166 -15.13 1.68 0.05
N GLY B 167 -16.28 1.39 0.63
CA GLY B 167 -17.04 0.17 0.29
C GLY B 167 -16.63 -1.13 0.96
N ALA B 168 -15.52 -1.14 1.73
CA ALA B 168 -15.08 -2.36 2.43
C ALA B 168 -16.10 -2.84 3.47
N THR B 169 -16.79 -1.89 4.10
CA THR B 169 -17.86 -2.18 5.05
C THR B 169 -19.26 -1.97 4.42
N ALA B 170 -20.28 -2.62 5.00
CA ALA B 170 -21.64 -2.56 4.43
C ALA B 170 -22.22 -1.12 4.45
N HIS B 171 -21.86 -0.34 5.47
CA HIS B 171 -22.18 1.09 5.54
C HIS B 171 -20.93 1.81 6.02
N PRO B 172 -20.81 3.13 5.75
CA PRO B 172 -19.63 3.87 6.21
C PRO B 172 -19.53 3.88 7.73
N MET B 173 -18.34 3.61 8.25
CA MET B 173 -18.14 3.69 9.70
C MET B 173 -16.72 4.06 10.05
N THR B 174 -16.52 4.41 11.31
CA THR B 174 -15.19 4.76 11.78
C THR B 174 -14.18 3.65 11.44
N ALA B 175 -13.00 4.07 11.02
CA ALA B 175 -11.90 3.19 10.66
C ALA B 175 -11.35 2.42 11.86
N ARG B 176 -10.51 1.42 11.55
CA ARG B 176 -9.72 0.70 12.55
C ARG B 176 -8.23 0.89 12.29
N ASN B 177 -7.45 0.60 13.30
CA ASN B 177 -5.99 0.63 13.20
C ASN B 177 -5.50 -0.80 13.37
N LEU B 178 -4.19 -0.99 13.31
CA LEU B 178 -3.60 -2.34 13.29
C LEU B 178 -3.56 -3.00 14.68
N MET B 179 -3.91 -2.26 15.72
CA MET B 179 -4.21 -2.82 17.03
C MET B 179 -5.64 -3.38 17.09
N GLY B 180 -6.43 -3.22 16.04
CA GLY B 180 -7.80 -3.66 16.06
C GLY B 180 -8.78 -2.70 16.68
N GLN B 181 -8.32 -1.51 17.07
CA GLN B 181 -9.19 -0.54 17.72
C GLN B 181 -9.98 0.23 16.69
N VAL B 182 -11.22 0.60 17.07
CA VAL B 182 -11.91 1.66 16.43
C VAL B 182 -11.10 2.92 16.69
N ASP B 183 -10.76 3.63 15.62
CA ASP B 183 -9.87 4.79 15.72
C ASP B 183 -10.38 5.95 14.86
N GLY B 184 -10.80 7.03 15.51
CA GLY B 184 -11.35 8.20 14.84
C GLY B 184 -12.67 8.72 15.33
N THR B 185 -13.24 8.11 16.38
CA THR B 185 -14.55 8.48 16.90
C THR B 185 -14.66 9.94 17.34
N ARG B 186 -13.71 10.40 18.16
CA ARG B 186 -13.80 11.71 18.81
C ARG B 186 -12.76 12.64 18.24
N ASN B 187 -13.20 13.47 17.33
CA ASN B 187 -12.38 14.52 16.77
C ASN B 187 -13.16 15.78 16.72
N PRO B 188 -12.46 16.89 16.86
CA PRO B 188 -13.11 18.10 16.44
C PRO B 188 -13.55 17.96 14.99
N LYS B 189 -14.69 18.57 14.63
CA LYS B 189 -15.18 18.52 13.26
C LYS B 189 -15.79 19.82 12.79
N PRO B 190 -15.71 20.06 11.48
CA PRO B 190 -16.32 21.26 10.92
C PRO B 190 -17.79 21.41 11.31
N GLY B 191 -18.15 22.65 11.66
CA GLY B 191 -19.49 22.96 12.13
C GLY B 191 -19.56 23.13 13.63
N GLU B 192 -18.56 22.63 14.36
CA GLU B 192 -18.47 22.91 15.82
C GLU B 192 -18.02 24.34 16.00
N ALA B 193 -18.60 24.99 17.00
CA ALA B 193 -18.34 26.43 17.16
C ALA B 193 -16.88 26.79 17.33
N ASP B 194 -16.15 25.88 17.99
CA ASP B 194 -14.74 26.11 18.32
C ASP B 194 -13.79 25.38 17.36
N PHE B 195 -14.30 24.81 16.27
CA PHE B 195 -13.44 24.07 15.34
C PHE B 195 -12.33 24.95 14.74
N ASP B 196 -12.70 26.08 14.14
CA ASP B 196 -11.67 26.94 13.55
C ASP B 196 -10.65 27.42 14.59
N ARG B 197 -11.13 27.86 15.75
CA ARG B 197 -10.20 28.30 16.81
C ARG B 197 -9.19 27.20 17.14
N ARG B 198 -9.67 25.96 17.27
CA ARG B 198 -8.81 24.83 17.55
C ARG B 198 -7.82 24.46 16.44
N ILE B 199 -8.22 24.59 15.18
CA ILE B 199 -7.49 23.91 14.10
C ILE B 199 -6.74 24.85 13.15
N PHE B 200 -7.27 26.07 12.95
CA PHE B 200 -6.75 26.98 11.95
C PHE B 200 -6.30 28.30 12.51
N VAL B 201 -5.22 28.81 11.93
CA VAL B 201 -4.71 30.14 12.23
C VAL B 201 -5.75 31.12 11.65
N PRO B 202 -6.21 32.09 12.45
CA PRO B 202 -7.25 32.98 11.90
C PRO B 202 -6.69 33.99 10.90
N GLU B 204 -7.57 34.57 10.07
CA GLU B 204 -7.23 35.84 9.40
C GLU B 204 -7.34 37.01 10.40
N PRO B 205 -6.29 37.86 10.54
CA PRO B 205 -6.48 39.19 11.15
C PRO B 205 -6.61 40.30 10.09
N PRO B 212 2.48 35.20 12.14
CA PRO B 212 2.78 35.78 10.85
C PRO B 212 1.65 35.61 9.81
N ALA B 213 1.40 36.68 9.04
CA ALA B 213 0.28 36.80 8.08
C ALA B 213 0.23 35.70 7.03
N TRP B 214 1.40 35.22 6.59
CA TRP B 214 1.41 34.20 5.55
C TRP B 214 0.76 32.88 5.95
N MET B 215 0.56 32.64 7.25
CA MET B 215 -0.12 31.42 7.74
C MET B 215 -1.62 31.57 7.97
N ALA B 216 -2.23 32.71 7.61
CA ALA B 216 -3.69 32.87 7.67
C ALA B 216 -4.42 31.68 7.04
N ASN B 217 -5.37 31.11 7.76
CA ASN B 217 -6.12 29.96 7.32
C ASN B 217 -5.31 28.66 7.22
N GLY B 218 -4.11 28.65 7.78
CA GLY B 218 -3.28 27.45 7.76
C GLY B 218 -3.43 26.70 9.05
N SER B 219 -2.69 25.61 9.14
CA SER B 219 -2.70 24.77 10.32
C SER B 219 -1.26 24.25 10.54
N TYR B 220 -0.97 23.76 11.74
CA TYR B 220 0.30 23.09 12.04
C TYR B 220 0.06 21.60 12.13
N VAL B 221 0.87 20.83 11.41
CA VAL B 221 0.79 19.39 11.43
C VAL B 221 1.93 18.82 12.26
N VAL B 222 1.62 17.82 13.07
CA VAL B 222 2.67 17.01 13.66
C VAL B 222 2.47 15.60 13.13
N VAL B 223 3.56 15.08 12.54
CA VAL B 223 3.62 13.74 12.04
C VAL B 223 4.43 12.89 13.01
N ARG B 224 3.96 11.71 13.35
CA ARG B 224 4.76 10.79 14.17
C ARG B 224 4.64 9.41 13.58
N ARG B 225 5.79 8.80 13.28
CA ARG B 225 5.82 7.39 12.87
C ARG B 225 5.86 6.58 14.13
N ILE B 226 4.75 5.93 14.44
CA ILE B 226 4.57 5.21 15.69
C ILE B 226 4.45 3.72 15.41
N ARG B 227 5.51 2.98 15.74
CA ARG B 227 5.48 1.52 15.57
C ARG B 227 4.61 0.96 16.67
N MET B 228 3.74 0.02 16.31
CA MET B 228 2.98 -0.74 17.31
C MET B 228 3.75 -2.00 17.67
N LEU B 229 3.91 -2.28 18.97
CA LEU B 229 4.57 -3.49 19.43
C LEU B 229 3.57 -4.64 19.41
N LEU B 230 3.17 -5.03 18.20
CA LEU B 230 2.15 -6.05 18.02
C LEU B 230 2.50 -7.39 18.68
N ASP B 231 3.78 -7.75 18.75
CA ASP B 231 4.17 -9.03 19.37
C ASP B 231 3.80 -9.04 20.83
N ASP B 232 3.86 -7.90 21.47
CA ASP B 232 3.48 -7.79 22.85
C ASP B 232 1.96 -7.57 23.01
N TRP B 233 1.44 -6.63 22.23
CA TRP B 233 0.04 -6.31 22.23
C TRP B 233 -0.86 -7.52 22.02
N GLU B 234 -0.49 -8.37 21.07
CA GLU B 234 -1.37 -9.44 20.66
C GLU B 234 -1.41 -10.66 21.60
N GLU B 235 -0.55 -10.66 22.63
CA GLU B 235 -0.59 -11.64 23.73
C GLU B 235 -1.51 -11.22 24.88
N LEU B 236 -2.02 -9.99 24.85
CA LEU B 236 -2.86 -9.49 25.93
C LEU B 236 -4.25 -10.03 25.81
N SER B 237 -4.92 -10.13 26.95
CA SER B 237 -6.35 -10.37 26.97
CA SER B 237 -6.35 -10.39 26.99
C SER B 237 -7.13 -9.19 26.42
N LEU B 238 -8.36 -9.44 26.01
CA LEU B 238 -9.25 -8.39 25.55
C LEU B 238 -9.44 -7.34 26.64
N LYS B 239 -9.66 -7.79 27.87
CA LYS B 239 -9.84 -6.83 28.95
C LYS B 239 -8.61 -5.94 29.07
N ALA B 240 -7.41 -6.55 29.08
CA ALA B 240 -6.19 -5.74 29.13
C ALA B 240 -6.11 -4.70 27.98
N GLN B 241 -6.41 -5.13 26.76
CA GLN B 241 -6.37 -4.21 25.61
C GLN B 241 -7.42 -3.12 25.73
N GLU B 242 -8.63 -3.47 26.15
CA GLU B 242 -9.67 -2.45 26.28
C GLU B 242 -9.38 -1.47 27.40
N ASP B 243 -8.76 -1.96 28.47
CA ASP B 243 -8.36 -1.09 29.60
C ASP B 243 -7.28 -0.08 29.21
N VAL B 244 -6.43 -0.45 28.26
CA VAL B 244 -5.42 0.49 27.74
C VAL B 244 -6.06 1.71 27.07
N ILE B 245 -7.16 1.50 26.37
CA ILE B 245 -7.85 2.59 25.65
C ILE B 245 -8.98 3.22 26.44
N GLY B 246 -9.76 2.38 27.14
CA GLY B 246 -11.01 2.83 27.76
C GLY B 246 -12.27 2.66 26.93
N ARG B 247 -12.15 1.97 25.80
CA ARG B 247 -13.24 1.76 24.87
C ARG B 247 -13.21 0.31 24.38
N ARG B 248 -14.37 -0.21 24.03
CA ARG B 248 -14.51 -1.55 23.48
C ARG B 248 -13.93 -1.72 22.07
N LYS B 249 -13.27 -2.84 21.83
CA LYS B 249 -12.82 -3.17 20.46
C LYS B 249 -14.00 -3.50 19.53
N SER B 250 -15.08 -4.06 20.06
CA SER B 250 -16.21 -4.47 19.21
C SER B 250 -16.80 -3.31 18.41
N ASP B 251 -17.08 -2.21 19.10
CA ASP B 251 -17.74 -1.07 18.47
C ASP B 251 -17.20 0.30 18.87
N GLY B 252 -16.17 0.36 19.70
CA GLY B 252 -15.64 1.66 20.12
C GLY B 252 -16.40 2.38 21.22
N ALA B 253 -17.39 1.70 21.79
CA ALA B 253 -18.20 2.27 22.87
C ALA B 253 -17.29 2.42 24.11
N PRO B 254 -17.57 3.43 24.95
CA PRO B 254 -16.82 3.52 26.21
C PRO B 254 -17.05 2.29 27.10
N LEU B 255 -16.05 1.94 27.91
CA LEU B 255 -16.19 0.79 28.84
C LEU B 255 -17.26 1.07 29.88
N SER B 256 -17.53 2.35 30.14
CA SER B 256 -18.64 2.74 31.01
C SER B 256 -20.06 2.48 30.46
N GLY B 257 -20.19 2.07 29.20
CA GLY B 257 -21.49 1.77 28.61
C GLY B 257 -21.92 0.36 28.92
N GLY B 258 -23.23 0.13 28.91
CA GLY B 258 -23.79 -1.24 28.97
C GLY B 258 -23.86 -1.90 27.59
N SER B 259 -24.72 -2.90 27.46
CA SER B 259 -24.88 -3.66 26.22
C SER B 259 -25.54 -2.86 25.09
N GLY B 260 -26.43 -1.93 25.43
CA GLY B 260 -27.05 -1.02 24.42
C GLY B 260 -26.25 0.25 24.10
N ALA B 261 -25.08 0.40 24.72
CA ALA B 261 -24.16 1.48 24.38
C ALA B 261 -23.59 1.25 22.98
N THR B 262 -23.31 2.34 22.30
CA THR B 262 -22.71 2.27 20.96
C THR B 262 -21.49 3.19 20.91
N GLU B 263 -20.88 3.23 19.74
CA GLU B 263 -19.78 4.15 19.52
C GLU B 263 -20.05 5.59 19.98
N SER B 264 -21.28 6.07 19.84
CA SER B 264 -21.61 7.46 20.18
C SER B 264 -21.90 7.69 21.66
N THR B 265 -22.06 6.63 22.45
CA THR B 265 -22.40 6.80 23.87
C THR B 265 -21.30 7.60 24.57
N GLU B 266 -21.69 8.63 25.30
CA GLU B 266 -20.73 9.48 25.99
C GLU B 266 -19.99 8.70 27.09
N MET B 267 -18.69 8.97 27.24
N MET B 267 -18.70 9.02 27.25
CA MET B 267 -17.89 8.31 28.26
CA MET B 267 -17.86 8.49 28.29
C MET B 267 -18.31 8.81 29.64
C MET B 267 -18.46 8.82 29.66
N ASP B 268 -18.39 7.89 30.61
CA ASP B 268 -18.64 8.24 32.03
C ASP B 268 -17.36 8.04 32.79
N LEU B 269 -16.67 9.14 33.06
CA LEU B 269 -15.36 9.11 33.71
C LEU B 269 -15.40 8.89 35.22
N GLU B 270 -16.59 8.98 35.83
CA GLU B 270 -16.72 8.75 37.28
C GLU B 270 -17.21 7.38 37.65
N LYS B 271 -17.76 6.65 36.69
CA LYS B 271 -18.39 5.35 36.98
C LYS B 271 -17.41 4.38 37.61
N THR B 272 -17.86 3.70 38.68
CA THR B 272 -17.06 2.70 39.37
C THR B 272 -17.79 1.36 39.41
N ASP B 273 -17.05 0.26 39.47
CA ASP B 273 -17.66 -1.07 39.59
C ASP B 273 -17.99 -1.33 41.08
N GLY B 274 -18.43 -2.55 41.39
CA GLY B 274 -18.77 -2.93 42.75
C GLY B 274 -17.67 -2.84 43.80
N SER B 275 -16.41 -2.88 43.37
CA SER B 275 -15.26 -2.78 44.29
C SER B 275 -14.76 -1.35 44.49
N GLY B 276 -15.41 -0.36 43.87
CA GLY B 276 -14.99 1.04 43.95
C GLY B 276 -13.97 1.48 42.90
N GLU B 277 -13.69 0.61 41.92
CA GLU B 277 -12.64 0.89 40.94
C GLU B 277 -13.24 1.49 39.68
N LEU B 278 -12.57 2.51 39.13
CA LEU B 278 -13.03 3.18 37.91
C LEU B 278 -13.14 2.21 36.75
N VAL B 279 -14.26 2.29 36.05
CA VAL B 279 -14.54 1.40 34.93
C VAL B 279 -13.69 1.82 33.73
N VAL B 280 -13.57 3.13 33.48
CA VAL B 280 -12.58 3.65 32.53
C VAL B 280 -11.31 3.95 33.32
N PRO B 281 -10.24 3.17 33.10
CA PRO B 281 -9.07 3.35 33.96
C PRO B 281 -8.47 4.75 33.97
N ILE B 282 -7.79 5.07 35.09
CA ILE B 282 -7.29 6.42 35.32
C ILE B 282 -6.23 6.85 34.28
N ASN B 283 -5.56 5.86 33.69
CA ASN B 283 -4.48 6.08 32.72
C ASN B 283 -4.88 5.59 31.31
N ALA B 284 -6.18 5.42 31.09
CA ALA B 284 -6.67 4.95 29.79
C ALA B 284 -6.49 6.05 28.74
N HIS B 285 -6.03 5.65 27.57
CA HIS B 285 -5.65 6.58 26.54
C HIS B 285 -6.78 7.53 26.19
N ALA B 286 -7.98 6.97 25.98
CA ALA B 286 -9.15 7.80 25.59
C ALA B 286 -9.77 8.60 26.75
N ARG B 287 -9.27 8.40 27.97
CA ARG B 287 -9.56 9.33 29.06
C ARG B 287 -8.63 10.53 28.98
N ILE B 288 -7.33 10.24 29.06
CA ILE B 288 -6.31 11.26 29.32
C ILE B 288 -6.01 12.16 28.12
N THR B 289 -6.33 11.73 26.90
CA THR B 289 -6.20 12.56 25.70
C THR B 289 -7.32 13.57 25.43
N ARG B 290 -8.44 13.49 26.17
CA ARG B 290 -9.59 14.34 25.86
C ARG B 290 -9.25 15.82 26.05
N PRO B 291 -9.83 16.70 25.20
CA PRO B 291 -9.63 18.12 25.48
C PRO B 291 -10.04 18.55 26.87
N ASP B 292 -11.13 18.00 27.41
CA ASP B 292 -11.59 18.38 28.76
C ASP B 292 -10.71 17.89 29.91
N GLN B 293 -9.71 17.06 29.61
CA GLN B 293 -8.69 16.65 30.56
C GLN B 293 -7.36 17.38 30.33
N ASN B 294 -7.30 18.28 29.35
CA ASN B 294 -6.07 18.95 28.98
C ASN B 294 -6.25 20.43 28.78
N GLY B 295 -7.12 21.04 29.57
CA GLY B 295 -7.33 22.48 29.44
C GLY B 295 -7.82 22.92 28.07
N GLY B 296 -8.54 22.03 27.37
CA GLY B 296 -9.06 22.36 26.05
C GLY B 296 -8.11 22.05 24.90
N ALA B 297 -6.93 21.50 25.20
CA ALA B 297 -5.99 21.08 24.15
C ALA B 297 -6.65 20.11 23.19
N ALA B 298 -6.51 20.35 21.89
CA ALA B 298 -7.29 19.60 20.90
C ALA B 298 -6.57 19.51 19.56
N MET B 299 -6.88 18.47 18.80
CA MET B 299 -6.31 18.30 17.47
C MET B 299 -7.25 17.47 16.63
N VAL B 300 -7.17 17.65 15.31
CA VAL B 300 -7.77 16.74 14.35
C VAL B 300 -6.75 15.65 13.99
N ARG B 301 -7.14 14.40 14.17
CA ARG B 301 -6.35 13.22 13.79
C ARG B 301 -6.79 12.65 12.46
N ARG B 302 -5.82 12.50 11.55
CA ARG B 302 -6.10 12.04 10.20
C ARG B 302 -4.92 11.18 9.72
N PRO B 303 -4.85 9.92 10.19
CA PRO B 303 -3.65 9.09 10.01
C PRO B 303 -3.73 8.14 8.82
N PHE B 304 -2.59 7.51 8.56
CA PHE B 304 -2.55 6.30 7.72
C PHE B 304 -1.89 5.20 8.54
N SER B 305 -2.25 3.93 8.30
CA SER B 305 -1.53 2.81 8.87
C SER B 305 -0.34 2.41 7.99
N TYR B 306 0.66 1.73 8.55
CA TYR B 306 1.78 1.28 7.76
C TYR B 306 2.22 -0.10 8.15
N HIS B 307 2.81 -0.74 7.15
CA HIS B 307 3.52 -1.97 7.33
C HIS B 307 4.64 -2.06 6.30
N ASP B 308 5.89 -2.14 6.74
CA ASP B 308 7.07 -2.15 5.86
C ASP B 308 7.98 -3.38 6.03
N GLY B 309 7.44 -4.46 6.55
CA GLY B 309 8.15 -5.73 6.58
C GLY B 309 8.40 -6.25 7.94
N PHE B 310 9.24 -7.28 7.98
CA PHE B 310 9.63 -7.93 9.21
C PHE B 310 11.16 -7.94 9.31
N ASP B 311 11.67 -7.79 10.53
CA ASP B 311 13.11 -7.90 10.77
C ASP B 311 13.50 -9.38 10.92
N ALA B 312 14.78 -9.64 11.20
CA ALA B 312 15.31 -11.01 11.24
C ALA B 312 14.69 -11.86 12.33
N ASP B 313 14.19 -11.23 13.39
CA ASP B 313 13.48 -11.91 14.47
C ASP B 313 11.96 -11.98 14.29
N GLY B 314 11.45 -11.56 13.14
CA GLY B 314 10.01 -11.63 12.86
C GLY B 314 9.22 -10.47 13.41
N VAL B 315 9.88 -9.41 13.88
CA VAL B 315 9.19 -8.24 14.45
C VAL B 315 8.64 -7.40 13.29
N PRO B 316 7.32 -7.13 13.29
CA PRO B 316 6.75 -6.31 12.20
C PRO B 316 7.08 -4.83 12.34
N ASP B 317 7.54 -4.22 11.25
CA ASP B 317 7.72 -2.77 11.15
C ASP B 317 6.37 -2.17 10.73
N ALA B 318 5.46 -2.11 11.69
CA ALA B 318 4.07 -1.78 11.40
C ALA B 318 3.56 -0.88 12.49
N GLY B 319 2.56 -0.06 12.16
CA GLY B 319 2.04 0.88 13.13
C GLY B 319 1.16 1.93 12.50
N LEU B 320 1.30 3.15 13.01
CA LEU B 320 0.46 4.25 12.57
C LEU B 320 1.34 5.42 12.15
N LEU B 321 1.07 5.97 10.97
CA LEU B 321 1.59 7.29 10.60
C LEU B 321 0.58 8.26 11.19
N PHE B 322 0.84 8.71 12.41
CA PHE B 322 -0.01 9.62 13.15
C PHE B 322 0.18 11.01 12.59
N VAL B 323 -0.92 11.61 12.14
CA VAL B 323 -0.87 12.93 11.51
C VAL B 323 -1.95 13.77 12.19
N CYS B 324 -1.57 14.84 12.88
CA CYS B 324 -2.54 15.63 13.59
C CYS B 324 -2.37 17.09 13.26
N TRP B 325 -3.48 17.82 13.40
CA TRP B 325 -3.67 19.19 12.90
C TRP B 325 -4.19 20.06 14.02
N GLN B 326 -3.58 21.25 14.17
CA GLN B 326 -3.96 22.16 15.23
C GLN B 326 -3.51 23.57 14.90
N ALA B 327 -4.16 24.57 15.49
CA ALA B 327 -3.77 25.97 15.26
C ALA B 327 -2.45 26.33 15.92
N ASP B 328 -2.13 25.62 17.01
CA ASP B 328 -0.94 25.85 17.79
C ASP B 328 -0.53 24.53 18.45
N PRO B 329 0.67 24.01 18.13
CA PRO B 329 1.07 22.72 18.77
C PRO B 329 1.11 22.77 20.28
N LEU B 330 1.31 23.97 20.85
CA LEU B 330 1.32 24.10 22.29
C LEU B 330 -0.06 24.02 22.93
N ARG B 331 -1.12 24.07 22.10
CA ARG B 331 -2.48 23.84 22.55
C ARG B 331 -3.10 22.59 21.90
N GLY B 332 -2.24 21.65 21.51
CA GLY B 332 -2.68 20.42 20.81
C GLY B 332 -1.73 19.29 21.18
N PHE B 333 -0.98 18.84 20.18
CA PHE B 333 -0.08 17.70 20.33
C PHE B 333 0.87 17.75 21.54
N VAL B 334 1.54 18.88 21.75
CA VAL B 334 2.59 18.96 22.74
C VAL B 334 2.11 18.65 24.18
N PRO B 335 1.10 19.38 24.68
CA PRO B 335 0.69 19.09 26.05
C PRO B 335 0.08 17.70 26.21
N VAL B 336 -0.62 17.20 25.18
CA VAL B 336 -1.17 15.87 25.29
C VAL B 336 -0.05 14.85 25.32
N GLN B 337 0.92 14.98 24.42
CA GLN B 337 2.03 14.03 24.41
C GLN B 337 2.92 14.13 25.66
N ARG B 338 3.07 15.32 26.25
CA ARG B 338 3.77 15.42 27.55
C ARG B 338 3.14 14.53 28.60
N LYS B 339 1.81 14.53 28.63
CA LYS B 339 1.05 13.66 29.52
C LYS B 339 1.19 12.19 29.14
N LEU B 340 1.09 11.87 27.86
CA LEU B 340 1.07 10.47 27.47
C LEU B 340 2.43 9.77 27.67
N ASP B 341 3.49 10.57 27.49
CA ASP B 341 4.88 10.10 27.45
C ASP B 341 5.13 8.93 28.40
N ARG B 342 4.91 9.18 29.69
CA ARG B 342 4.91 8.16 30.74
C ARG B 342 3.54 7.87 31.35
N GLY B 343 2.57 8.76 31.20
CA GLY B 343 1.28 8.63 31.85
C GLY B 343 0.28 7.70 31.18
N ASP B 344 0.46 7.40 29.90
CA ASP B 344 -0.53 6.64 29.14
C ASP B 344 -0.26 5.14 29.21
N ALA B 345 -1.30 4.36 29.53
CA ALA B 345 -1.20 2.89 29.48
C ALA B 345 -0.79 2.39 28.11
N LEU B 346 -1.07 3.17 27.08
CA LEU B 346 -0.71 2.79 25.72
C LEU B 346 0.79 2.88 25.41
N SER B 347 1.50 3.78 26.09
CA SER B 347 2.93 4.02 25.83
C SER B 347 3.79 2.74 25.81
N GLN B 348 3.48 1.78 26.67
CA GLN B 348 4.18 0.49 26.77
C GLN B 348 4.19 -0.30 25.46
N PHE B 349 3.16 -0.05 24.64
CA PHE B 349 2.90 -0.86 23.46
C PHE B 349 3.19 -0.17 22.14
N ILE B 350 3.79 1.02 22.19
CA ILE B 350 4.13 1.77 21.00
C ILE B 350 5.51 2.40 21.07
N ARG B 351 6.07 2.73 19.90
CA ARG B 351 7.37 3.43 19.84
C ARG B 351 7.40 4.54 18.82
N HIS B 352 7.60 5.77 19.29
CA HIS B 352 7.72 6.96 18.42
C HIS B 352 9.10 6.95 17.77
N GLU B 353 9.12 6.68 16.46
CA GLU B 353 10.39 6.42 15.74
C GLU B 353 10.77 7.44 14.68
N ALA B 354 9.88 8.36 14.37
CA ALA B 354 10.19 9.51 13.56
C ALA B 354 9.16 10.59 13.83
N SER B 355 9.52 11.84 13.49
CA SER B 355 8.69 12.98 13.86
C SER B 355 8.89 14.13 12.87
N GLY B 356 7.84 14.91 12.66
CA GLY B 356 8.00 16.17 11.90
C GLY B 356 6.92 17.15 12.32
N LEU B 357 7.26 18.44 12.29
CA LEU B 357 6.33 19.54 12.61
C LEU B 357 6.41 20.53 11.49
N PHE B 358 5.29 20.79 10.83
CA PHE B 358 5.32 21.65 9.62
C PHE B 358 4.16 22.65 9.65
N ALA B 359 4.43 23.81 9.05
CA ALA B 359 3.46 24.89 8.94
C ALA B 359 2.82 24.77 7.57
N VAL B 360 1.50 24.55 7.56
CA VAL B 360 0.76 24.25 6.35
C VAL B 360 -0.14 25.47 6.09
N PRO B 361 0.19 26.30 5.08
CA PRO B 361 -0.60 27.53 4.92
C PRO B 361 -2.02 27.30 4.36
N GLY B 362 -2.77 28.40 4.23
CA GLY B 362 -4.09 28.38 3.64
C GLY B 362 -4.02 27.85 2.22
N GLY B 363 -5.18 27.50 1.68
CA GLY B 363 -5.26 26.98 0.35
C GLY B 363 -4.97 28.03 -0.69
N ALA B 364 -4.51 27.57 -1.84
CA ALA B 364 -4.28 28.44 -2.97
C ALA B 364 -5.62 28.96 -3.50
N ALA B 365 -5.67 30.25 -3.84
CA ALA B 365 -6.78 30.79 -4.64
C ALA B 365 -6.48 30.64 -6.14
N GLU B 366 -7.50 30.90 -6.97
CA GLU B 366 -7.35 30.81 -8.42
C GLU B 366 -6.10 31.58 -8.83
N GLY B 367 -5.25 30.88 -9.60
CA GLY B 367 -4.05 31.48 -10.14
C GLY B 367 -2.84 31.53 -9.23
N GLU B 368 -2.99 31.14 -7.96
CA GLU B 368 -1.93 31.25 -6.96
C GLU B 368 -1.23 29.93 -6.76
N TYR B 369 -0.06 30.02 -6.14
CA TYR B 369 0.63 28.84 -5.63
C TYR B 369 0.59 28.78 -4.11
N VAL B 370 0.67 27.57 -3.58
CA VAL B 370 0.64 27.36 -2.13
C VAL B 370 1.90 27.97 -1.49
N GLY B 371 1.72 28.81 -0.47
CA GLY B 371 2.84 29.47 0.18
C GLY B 371 3.24 30.75 -0.53
N GLN B 372 2.38 31.23 -1.47
CA GLN B 372 2.70 32.46 -2.22
C GLN B 372 2.89 33.68 -1.33
N ARG B 373 2.04 33.84 -0.32
N ARG B 373 2.04 33.84 -0.33
CA ARG B 373 2.18 35.00 0.56
CA ARG B 373 2.16 34.99 0.57
C ARG B 373 3.54 34.99 1.30
C ARG B 373 3.53 34.99 1.29
N LEU B 374 4.01 33.80 1.69
CA LEU B 374 5.30 33.67 2.30
C LEU B 374 6.43 34.03 1.34
N LEU B 375 6.39 33.45 0.15
N LEU B 375 6.43 33.40 0.17
CA LEU B 375 7.53 33.47 -0.75
CA LEU B 375 7.56 33.50 -0.74
C LEU B 375 7.57 34.72 -1.63
C LEU B 375 7.60 34.86 -1.45
N GLU B 376 6.41 35.37 -1.79
CA GLU B 376 6.33 36.70 -2.44
C GLU B 376 6.42 37.81 -1.41
N GLY B 377 5.86 37.58 -0.22
CA GLY B 377 6.06 38.48 0.91
C GLY B 377 5.22 39.73 0.89
CHA HEM C . 3.11 -8.57 -22.29
CHB HEM C . 5.18 -5.15 -19.57
CHC HEM C . 8.11 -8.53 -17.67
CHD HEM C . 6.04 -11.92 -20.38
C1A HEM C . 3.42 -7.36 -21.73
C2A HEM C . 2.80 -6.13 -22.09
C3A HEM C . 3.40 -5.17 -21.32
C4A HEM C . 4.37 -5.82 -20.49
CMA HEM C . 3.10 -3.69 -21.29
CAA HEM C . 1.73 -5.90 -23.13
CBA HEM C . 0.28 -5.99 -22.67
CGA HEM C . -0.09 -7.37 -22.29
O1A HEM C . -0.46 -8.24 -23.14
O2A HEM C . -0.04 -7.73 -21.07
C1B HEM C . 6.17 -5.79 -18.79
C2B HEM C . 6.96 -5.13 -17.80
C3B HEM C . 7.80 -6.04 -17.25
C4B HEM C . 7.48 -7.34 -17.94
CMB HEM C . 6.90 -3.67 -17.47
CAB HEM C . 8.75 -5.90 -16.13
CBB HEM C . 8.65 -5.01 -15.17
C1C HEM C . 7.86 -9.74 -18.27
C2C HEM C . 8.54 -10.94 -17.97
C3C HEM C . 7.94 -11.92 -18.76
C4C HEM C . 6.88 -11.29 -19.50
CMC HEM C . 9.68 -11.14 -17.03
CAC HEM C . 8.29 -13.35 -18.92
CBC HEM C . 9.47 -13.94 -18.67
C1D HEM C . 5.03 -11.22 -21.06
C2D HEM C . 4.10 -11.97 -21.93
C3D HEM C . 3.28 -11.05 -22.47
C4D HEM C . 3.73 -9.74 -21.90
CMD HEM C . 4.05 -13.48 -22.15
CAD HEM C . 2.15 -11.33 -23.45
CBD HEM C . 2.65 -11.43 -24.90
CGD HEM C . 1.52 -11.78 -25.81
O1D HEM C . 0.88 -10.87 -26.42
O2D HEM C . 1.20 -12.97 -25.95
NA HEM C . 4.44 -7.15 -20.81
NB HEM C . 6.53 -7.08 -18.85
NC HEM C . 6.91 -9.94 -19.22
ND HEM C . 4.84 -9.90 -21.13
FE HEM C . 5.67 -8.53 -20.06
CHA HEM D . -8.25 8.69 20.84
CHB HEM D . -5.47 4.95 19.55
CHC HEM D . -1.62 7.94 19.57
CHD HEM D . -4.42 11.62 20.82
C1A HEM D . -7.82 7.43 20.51
C2A HEM D . -8.66 6.26 20.48
C3A HEM D . -7.87 5.22 20.10
C4A HEM D . -6.54 5.73 19.92
CMA HEM D . -8.29 3.78 19.88
CAA HEM D . -10.14 6.17 20.76
CBA HEM D . -11.09 6.36 19.57
CGA HEM D . -11.05 7.75 19.06
O1A HEM D . -11.70 8.68 19.60
O2A HEM D . -10.32 7.98 18.08
C1B HEM D . -4.14 5.45 19.39
C2B HEM D . -3.02 4.71 18.97
C3B HEM D . -1.93 5.54 18.95
C4B HEM D . -2.44 6.86 19.41
CMB HEM D . -3.07 3.24 18.60
CAB HEM D . -0.53 5.28 18.52
CBB HEM D . -0.23 4.31 17.68
C1C HEM D . -1.99 9.20 19.95
C2C HEM D . -1.13 10.30 20.14
C3C HEM D . -1.97 11.38 20.51
C4C HEM D . -3.32 10.87 20.54
CMC HEM D . 0.37 10.28 19.90
CAC HEM D . -1.63 12.80 20.85
CBC HEM D . -0.44 13.20 21.31
C1D HEM D . -5.71 11.07 20.88
C2D HEM D . -6.86 11.94 21.10
C3D HEM D . -7.94 11.14 21.13
C4D HEM D . -7.41 9.77 20.89
CMD HEM D . -6.85 13.44 21.26
CAD HEM D . -9.37 11.57 21.32
CBD HEM D . -9.65 11.73 22.81
CGD HEM D . -11.08 12.19 22.99
O1D HEM D . -11.97 11.33 23.18
O2D HEM D . -11.35 13.41 22.91
NA HEM D . -6.51 7.06 20.26
NB HEM D . -3.73 6.70 19.68
NC HEM D . -3.28 9.54 20.28
ND HEM D . -6.04 9.77 20.79
FE HEM D . -4.94 8.28 20.29
#